data_3I74
#
_entry.id   3I74
#
_cell.length_a   143.730
_cell.length_b   143.730
_cell.length_c   195.190
_cell.angle_alpha   90.00
_cell.angle_beta   90.00
_cell.angle_gamma   90.00
#
_symmetry.space_group_name_H-M   'P 43 21 2'
#
loop_
_entity.id
_entity.type
_entity.pdbx_description
1 polymer 'Subtilisin-like protease'
2 polymer 'ACE-PHE-GLU-LYS-ALA chloromethylketone INHIBITOR'
3 branched 2-acetamido-2-deoxy-beta-D-glucopyranose-(1-4)-2-acetamido-2-deoxy-beta-D-glucopyranose
4 branched alpha-L-fucopyranose-(1-3)-[2-acetamido-2-deoxy-beta-D-glucopyranose-(1-4)]2-acetamido-2-deoxy-beta-D-glucopyranose
5 branched alpha-L-fucopyranose-(1-3)-2-acetamido-2-deoxy-beta-D-glucopyranose
6 water water
#
loop_
_entity_poly.entity_id
_entity_poly.type
_entity_poly.pdbx_seq_one_letter_code
_entity_poly.pdbx_strand_id
1 'polypeptide(L)'
;TTHTSDFLKLNPSSGLWPASGLGQDVIVAVLDSGIWPESASFQDDGMPEIPKRWKGICKPGTQFNASMCNRKLIGANYFN
KGILANDPTVNITMNSARDTDGHGTHCASITAGNFAKGVSHFGYAPGTARGVAPRARLAVYKFSFNEGTFTSDLIAAMDQ
AVADGVDMISISYGYRFIPLYEDAISIASFGAMMKGVLVSASAGNRGPGIGSLNNGSPWILCVASGHTDRTFAGTLTLGN
GLKIRGWSLFPARAFVRDSPVIYNKTLSDCSSEELLSQVENPENTIVICDDNGDFSDQMRIITRARLKAAIFISEDPGVF
RSATFPNPGVVVNKKEGKQVINYVKNSVTPTATITFQETYLDTKPAPVVAASSARGPSRSYLGISKPDILAPGVLILAAY
PPNVFATSIGTNILLSTDYILESGTSMAAPHAAGIAAMLKAAHPEWSPSAIRSAMMTTADPLDNTRKPIKDSDNNKAATP
LDMGAGHVDPNRALDPGLVYDATPQDYVNLLCSLNFTEEQFKTIARSSASHNCSNPSADLNYPSFIALYSIEGNFTLLEQ
KFKRTVTNVGKGAATYKAKLKAPKNSTISVSPQILVFKNKNEKQSYTLTIRYIGDEGQSRNVGSITWVEQNGNHSVRSPI
VTSPIIEVW
;
A,B
2 'polypeptide(L)' (ACE)FEK(ALV)(0QE) C,D
#
# COMPACT_ATOMS: atom_id res chain seq x y z
N THR A 1 12.21 -7.66 -9.38
CA THR A 1 11.67 -8.67 -10.35
C THR A 1 10.27 -8.31 -10.83
N THR A 2 9.86 -7.07 -10.57
CA THR A 2 8.63 -6.54 -11.14
C THR A 2 8.98 -5.86 -12.47
N HIS A 3 10.22 -6.01 -12.89
CA HIS A 3 10.73 -5.37 -14.09
C HIS A 3 11.91 -6.14 -14.69
N THR A 4 12.65 -6.83 -13.83
CA THR A 4 13.87 -7.54 -14.23
C THR A 4 13.73 -8.36 -15.52
N SER A 5 12.68 -9.17 -15.62
CA SER A 5 12.47 -10.00 -16.80
C SER A 5 12.26 -9.15 -18.04
N ASP A 6 11.68 -7.96 -17.87
CA ASP A 6 11.53 -7.00 -18.96
C ASP A 6 12.89 -6.42 -19.32
N PHE A 7 13.69 -6.16 -18.28
CA PHE A 7 15.04 -5.64 -18.47
C PHE A 7 15.90 -6.64 -19.23
N LEU A 8 15.59 -7.92 -19.08
CA LEU A 8 16.32 -8.97 -19.78
C LEU A 8 15.70 -9.29 -21.14
N LYS A 9 14.57 -8.65 -21.42
CA LYS A 9 13.90 -8.78 -22.71
C LYS A 9 13.07 -10.06 -22.84
N LEU A 10 13.01 -10.85 -21.76
CA LEU A 10 12.21 -12.07 -21.78
C LEU A 10 10.74 -11.74 -22.01
N ASN A 11 10.06 -12.60 -22.77
CA ASN A 11 8.65 -12.39 -23.08
C ASN A 11 7.97 -13.64 -23.63
N PRO A 12 6.63 -13.70 -23.54
CA PRO A 12 5.84 -14.86 -23.94
C PRO A 12 5.77 -15.06 -25.45
N SER A 13 5.95 -13.99 -26.21
CA SER A 13 5.80 -14.06 -27.67
C SER A 13 6.92 -14.85 -28.34
N SER A 14 8.15 -14.49 -28.02
CA SER A 14 9.31 -15.12 -28.63
C SER A 14 10.48 -15.17 -27.66
N GLY A 15 11.56 -15.84 -28.07
CA GLY A 15 12.76 -15.93 -27.25
C GLY A 15 12.83 -17.17 -26.38
N LEU A 16 13.50 -17.04 -25.25
CA LEU A 16 13.76 -18.17 -24.36
C LEU A 16 12.48 -18.66 -23.68
N TRP A 17 11.66 -17.72 -23.20
CA TRP A 17 10.44 -18.08 -22.48
C TRP A 17 9.57 -19.07 -23.25
N PRO A 18 9.12 -18.68 -24.46
CA PRO A 18 8.29 -19.58 -25.26
C PRO A 18 9.05 -20.84 -25.65
N ALA A 19 10.34 -20.69 -25.96
CA ALA A 19 11.17 -21.81 -26.38
C ALA A 19 11.34 -22.84 -25.26
N SER A 20 11.21 -22.39 -24.01
CA SER A 20 11.44 -23.26 -22.86
C SER A 20 10.18 -23.44 -22.02
N GLY A 21 9.07 -22.89 -22.49
CA GLY A 21 7.82 -22.95 -21.74
C GLY A 21 7.97 -22.35 -20.35
N LEU A 22 8.75 -21.28 -20.28
CA LEU A 22 9.02 -20.62 -19.01
C LEU A 22 9.66 -21.58 -18.01
N GLY A 23 10.30 -22.62 -18.53
CA GLY A 23 11.03 -23.58 -17.71
C GLY A 23 10.14 -24.49 -16.89
N GLN A 24 8.91 -24.70 -17.37
CA GLN A 24 7.94 -25.51 -16.65
C GLN A 24 8.41 -26.95 -16.46
N ASP A 25 9.17 -27.46 -17.42
CA ASP A 25 9.57 -28.86 -17.42
C ASP A 25 10.98 -29.07 -16.87
N VAL A 26 11.54 -28.05 -16.24
CA VAL A 26 12.87 -28.15 -15.65
C VAL A 26 12.83 -27.90 -14.15
N ILE A 27 13.91 -28.22 -13.46
CA ILE A 27 13.98 -28.11 -12.01
C ILE A 27 15.26 -27.43 -11.55
N VAL A 28 15.11 -26.43 -10.70
CA VAL A 28 16.27 -25.74 -10.13
C VAL A 28 16.27 -25.86 -8.61
N ALA A 29 17.44 -26.11 -8.04
CA ALA A 29 17.57 -26.28 -6.60
C ALA A 29 18.17 -25.04 -5.95
N VAL A 30 17.56 -24.61 -4.85
CA VAL A 30 18.06 -23.44 -4.12
C VAL A 30 18.64 -23.84 -2.78
N LEU A 31 19.95 -23.69 -2.64
CA LEU A 31 20.63 -24.01 -1.40
C LEU A 31 20.85 -22.74 -0.58
N ASP A 32 20.06 -22.58 0.48
CA ASP A 32 20.11 -21.37 1.28
C ASP A 32 19.37 -21.62 2.59
N SER A 33 18.97 -20.54 3.24
CA SER A 33 18.32 -20.61 4.55
C SER A 33 16.87 -21.09 4.57
N GLY A 34 16.42 -21.71 3.49
CA GLY A 34 15.07 -22.25 3.44
C GLY A 34 14.10 -21.37 2.68
N ILE A 35 12.81 -21.60 2.88
CA ILE A 35 11.78 -20.88 2.14
C ILE A 35 10.53 -20.62 2.98
N TRP A 36 9.80 -19.56 2.64
CA TRP A 36 8.49 -19.33 3.22
C TRP A 36 7.43 -19.78 2.22
N PRO A 37 6.94 -21.02 2.38
CA PRO A 37 6.08 -21.70 1.41
C PRO A 37 4.79 -20.95 1.04
N GLU A 38 4.08 -20.41 2.02
CA GLU A 38 2.77 -19.81 1.75
C GLU A 38 2.84 -18.50 0.95
N SER A 39 4.04 -18.11 0.52
CA SER A 39 4.20 -16.92 -0.30
C SER A 39 3.54 -17.09 -1.67
N ALA A 40 2.88 -16.03 -2.14
CA ALA A 40 2.21 -16.07 -3.44
C ALA A 40 3.15 -16.49 -4.55
N SER A 41 4.44 -16.16 -4.40
CA SER A 41 5.44 -16.49 -5.41
C SER A 41 5.63 -18.00 -5.55
N PHE A 42 5.23 -18.75 -4.52
CA PHE A 42 5.45 -20.19 -4.50
C PHE A 42 4.15 -20.98 -4.60
N GLN A 43 3.09 -20.31 -5.05
CA GLN A 43 1.84 -20.98 -5.36
C GLN A 43 1.91 -21.47 -6.80
N ASP A 44 0.97 -22.33 -7.19
CA ASP A 44 1.05 -22.99 -8.49
C ASP A 44 -0.20 -22.80 -9.35
N ASP A 45 -0.54 -21.55 -9.64
CA ASP A 45 -1.75 -21.24 -10.41
C ASP A 45 -1.72 -21.75 -11.85
N GLY A 46 -0.58 -21.57 -12.53
CA GLY A 46 -0.48 -21.99 -13.93
C GLY A 46 0.53 -23.11 -14.14
N MET A 47 0.58 -24.04 -13.19
CA MET A 47 1.58 -25.10 -13.22
C MET A 47 1.01 -26.43 -13.68
N PRO A 48 1.64 -27.05 -14.69
CA PRO A 48 1.24 -28.37 -15.14
C PRO A 48 1.75 -29.44 -14.17
N GLU A 49 1.22 -30.65 -14.28
CA GLU A 49 1.60 -31.73 -13.38
C GLU A 49 3.12 -31.82 -13.20
N ILE A 50 3.54 -32.31 -12.03
CA ILE A 50 4.96 -32.47 -11.74
C ILE A 50 5.58 -33.53 -12.65
N PRO A 51 6.75 -33.22 -13.22
CA PRO A 51 7.45 -34.19 -14.07
C PRO A 51 7.64 -35.51 -13.34
N LYS A 52 7.20 -36.60 -13.96
CA LYS A 52 7.27 -37.91 -13.33
C LYS A 52 8.69 -38.29 -12.94
N ARG A 53 9.66 -37.75 -13.67
CA ARG A 53 11.07 -38.00 -13.38
C ARG A 53 11.43 -37.70 -11.93
N TRP A 54 10.68 -36.79 -11.31
CA TRP A 54 11.02 -36.30 -9.97
C TRP A 54 10.45 -37.16 -8.85
N LYS A 55 11.24 -37.35 -7.80
CA LYS A 55 10.83 -38.15 -6.65
C LYS A 55 11.37 -37.60 -5.34
N GLY A 56 11.76 -36.33 -5.35
CA GLY A 56 12.22 -35.66 -4.15
C GLY A 56 11.12 -35.59 -3.12
N ILE A 57 11.50 -35.51 -1.86
CA ILE A 57 10.52 -35.52 -0.77
C ILE A 57 10.20 -34.12 -0.25
N CYS A 58 9.08 -34.03 0.45
CA CYS A 58 8.72 -32.82 1.16
C CYS A 58 8.90 -33.11 2.66
N LYS A 59 10.16 -33.11 3.09
CA LYS A 59 10.50 -33.55 4.44
C LYS A 59 9.89 -32.67 5.52
N PRO A 60 9.11 -33.29 6.43
CA PRO A 60 8.42 -32.60 7.52
C PRO A 60 9.38 -32.09 8.58
N GLY A 61 8.92 -31.10 9.34
CA GLY A 61 9.72 -30.52 10.42
C GLY A 61 8.93 -29.47 11.17
N THR A 62 9.62 -28.62 11.93
CA THR A 62 8.97 -27.55 12.66
C THR A 62 8.09 -26.72 11.73
N GLN A 63 6.85 -26.49 12.15
CA GLN A 63 5.91 -25.68 11.37
C GLN A 63 6.05 -25.95 9.88
N PHE A 64 6.02 -27.21 9.48
CA PHE A 64 6.21 -27.57 8.07
C PHE A 64 5.85 -29.04 8.01
N ASN A 65 4.82 -29.39 7.25
CA ASN A 65 4.41 -30.78 7.11
C ASN A 65 4.43 -31.17 5.63
N ALA A 66 4.44 -32.48 5.38
CA ALA A 66 4.65 -33.02 4.04
C ALA A 66 3.59 -32.63 3.01
N SER A 67 2.67 -31.76 3.40
CA SER A 67 1.66 -31.26 2.48
C SER A 67 1.98 -29.84 2.07
N MET A 68 3.13 -29.35 2.53
CA MET A 68 3.55 -27.97 2.31
C MET A 68 4.09 -27.75 0.89
N CYS A 69 4.15 -28.83 0.12
CA CYS A 69 4.66 -28.76 -1.24
C CYS A 69 3.54 -28.80 -2.28
N ASN A 70 3.82 -28.27 -3.46
CA ASN A 70 2.84 -28.28 -4.55
C ASN A 70 3.53 -28.46 -5.91
N ARG A 71 2.83 -28.10 -6.98
CA ARG A 71 3.36 -28.27 -8.33
C ARG A 71 4.35 -27.17 -8.70
N LYS A 72 4.59 -26.26 -7.74
CA LYS A 72 5.56 -25.19 -7.90
C LYS A 72 6.76 -25.45 -7.00
N LEU A 73 6.49 -25.54 -5.70
CA LEU A 73 7.51 -25.94 -4.73
C LEU A 73 7.46 -27.46 -4.61
N ILE A 74 8.16 -28.14 -5.50
CA ILE A 74 8.04 -29.59 -5.63
C ILE A 74 8.90 -30.37 -4.65
N GLY A 75 9.84 -29.70 -4.00
CA GLY A 75 10.74 -30.36 -3.07
C GLY A 75 11.18 -29.48 -1.91
N ALA A 76 11.26 -30.07 -0.73
CA ALA A 76 11.73 -29.36 0.46
C ALA A 76 12.54 -30.29 1.37
N ASN A 77 13.77 -29.89 1.67
CA ASN A 77 14.66 -30.71 2.47
C ASN A 77 15.64 -29.83 3.25
N TYR A 78 15.96 -30.24 4.48
CA TYR A 78 16.90 -29.48 5.30
C TYR A 78 17.99 -30.38 5.88
N PHE A 79 19.13 -29.77 6.21
CA PHE A 79 20.29 -30.52 6.66
C PHE A 79 20.96 -29.84 7.86
N ASN A 80 20.84 -30.47 9.03
CA ASN A 80 21.30 -29.85 10.27
C ASN A 80 22.32 -30.70 11.02
N LYS A 81 22.56 -31.92 10.55
CA LYS A 81 23.48 -32.83 11.21
C LYS A 81 24.77 -32.15 11.63
N GLY A 82 25.25 -31.22 10.82
CA GLY A 82 26.48 -30.51 11.11
C GLY A 82 26.39 -29.68 12.37
N ILE A 83 25.24 -29.05 12.59
CA ILE A 83 25.01 -28.23 13.77
C ILE A 83 24.90 -29.09 15.02
N LEU A 84 24.13 -30.16 14.94
CA LEU A 84 23.95 -31.06 16.06
C LEU A 84 25.27 -31.70 16.47
N ALA A 85 25.96 -32.29 15.48
CA ALA A 85 27.27 -32.88 15.73
C ALA A 85 28.18 -31.92 16.48
N ASN A 86 28.20 -30.67 16.03
CA ASN A 86 29.03 -29.64 16.66
C ASN A 86 28.63 -29.38 18.11
N ASP A 87 27.35 -29.59 18.41
CA ASP A 87 26.84 -29.36 19.76
C ASP A 87 25.44 -29.96 19.67
N PRO A 88 25.17 -30.98 20.49
CA PRO A 88 23.88 -31.66 20.48
C PRO A 88 23.03 -30.89 21.48
N THR A 89 23.67 -30.04 22.28
CA THR A 89 22.98 -29.26 23.30
C THR A 89 22.14 -28.12 22.72
N VAL A 90 22.25 -27.89 21.42
CA VAL A 90 21.55 -26.78 20.79
C VAL A 90 20.06 -27.06 20.58
N ASN A 91 19.24 -26.05 20.86
CA ASN A 91 17.81 -26.14 20.57
C ASN A 91 17.49 -25.39 19.27
N ILE A 92 17.29 -26.13 18.19
CA ILE A 92 17.00 -25.52 16.89
C ILE A 92 15.56 -25.07 16.79
N THR A 93 15.35 -23.77 16.97
CA THR A 93 14.00 -23.20 16.97
C THR A 93 13.19 -23.61 15.74
N MET A 94 13.75 -23.39 14.55
CA MET A 94 13.07 -23.74 13.31
C MET A 94 13.75 -24.92 12.66
N ASN A 95 13.37 -26.13 13.08
CA ASN A 95 14.01 -27.34 12.61
C ASN A 95 13.35 -27.91 11.36
N SER A 96 13.41 -27.15 10.28
CA SER A 96 12.81 -27.55 9.01
C SER A 96 13.29 -26.63 7.89
N ALA A 97 12.65 -26.74 6.73
CA ALA A 97 13.06 -25.95 5.57
C ALA A 97 12.45 -24.55 5.56
N ARG A 98 11.65 -24.24 6.59
CA ARG A 98 11.04 -22.91 6.68
C ARG A 98 12.09 -21.84 6.93
N ASP A 99 11.95 -20.72 6.22
CA ASP A 99 12.95 -19.65 6.25
C ASP A 99 12.67 -18.65 7.37
N THR A 100 13.64 -18.46 8.26
CA THR A 100 13.52 -17.48 9.33
C THR A 100 14.50 -16.33 9.13
N ASP A 101 15.09 -16.26 7.94
CA ASP A 101 16.05 -15.21 7.64
C ASP A 101 15.60 -14.32 6.48
N GLY A 102 15.22 -14.94 5.37
CA GLY A 102 14.76 -14.21 4.19
C GLY A 102 15.59 -14.43 2.95
N HIS A 103 16.90 -14.61 3.14
CA HIS A 103 17.83 -14.80 2.03
C HIS A 103 17.34 -15.89 1.08
N GLY A 104 16.94 -17.02 1.65
CA GLY A 104 16.51 -18.17 0.87
C GLY A 104 15.22 -17.94 0.10
N THR A 105 14.26 -17.28 0.73
CA THR A 105 12.98 -16.99 0.10
C THR A 105 13.18 -16.01 -1.05
N HIS A 106 14.02 -15.01 -0.82
CA HIS A 106 14.30 -14.00 -1.83
C HIS A 106 14.89 -14.65 -3.09
N CYS A 107 15.96 -15.41 -2.91
CA CYS A 107 16.61 -16.10 -4.03
C CYS A 107 15.63 -17.02 -4.75
N ALA A 108 14.93 -17.85 -3.98
CA ALA A 108 13.98 -18.79 -4.56
C ALA A 108 13.01 -18.12 -5.52
N SER A 109 12.42 -17.01 -5.08
CA SER A 109 11.42 -16.31 -5.89
C SER A 109 12.05 -15.63 -7.11
N ILE A 110 13.29 -15.17 -6.96
CA ILE A 110 14.01 -14.53 -8.06
C ILE A 110 14.28 -15.51 -9.19
N THR A 111 14.52 -16.77 -8.82
CA THR A 111 14.90 -17.78 -9.80
C THR A 111 13.68 -18.37 -10.50
N ALA A 112 12.64 -18.66 -9.72
CA ALA A 112 11.47 -19.34 -10.28
C ALA A 112 10.16 -18.95 -9.60
N GLY A 113 10.07 -17.70 -9.17
CA GLY A 113 8.84 -17.21 -8.55
C GLY A 113 7.69 -17.18 -9.54
N ASN A 114 6.51 -17.63 -9.10
CA ASN A 114 5.33 -17.57 -9.93
C ASN A 114 4.82 -16.13 -10.01
N PHE A 115 3.93 -15.86 -10.96
CA PHE A 115 3.40 -14.51 -11.12
C PHE A 115 2.64 -14.07 -9.87
N ALA A 116 3.03 -12.95 -9.30
CA ALA A 116 2.38 -12.42 -8.10
C ALA A 116 1.86 -11.00 -8.31
N LYS A 117 0.54 -10.88 -8.37
CA LYS A 117 -0.14 -9.61 -8.67
C LYS A 117 -0.01 -8.54 -7.57
N GLY A 118 0.13 -7.30 -8.00
CA GLY A 118 0.05 -6.13 -7.11
C GLY A 118 0.90 -6.17 -5.85
N VAL A 119 2.21 -6.35 -6.03
CA VAL A 119 3.13 -6.32 -4.90
C VAL A 119 4.09 -5.14 -5.05
N SER A 120 4.83 -4.83 -3.99
CA SER A 120 5.80 -3.74 -4.04
C SER A 120 6.66 -3.69 -2.78
N HIS A 121 7.68 -2.85 -2.80
CA HIS A 121 8.47 -2.57 -1.62
C HIS A 121 8.01 -1.27 -0.99
N PHE A 122 6.88 -1.33 -0.26
CA PHE A 122 6.32 -0.16 0.39
C PHE A 122 5.96 0.92 -0.63
N GLY A 123 5.43 0.49 -1.77
CA GLY A 123 5.02 1.43 -2.81
C GLY A 123 6.03 1.56 -3.94
N TYR A 124 7.27 1.16 -3.67
CA TYR A 124 8.32 1.21 -4.68
C TYR A 124 8.34 -0.07 -5.51
N ALA A 125 8.74 0.05 -6.77
CA ALA A 125 8.85 -1.10 -7.66
C ALA A 125 7.57 -1.92 -7.68
N PRO A 126 6.42 -1.24 -7.76
CA PRO A 126 5.12 -1.91 -7.79
C PRO A 126 4.93 -2.67 -9.09
N GLY A 127 4.03 -3.64 -9.09
CA GLY A 127 3.75 -4.43 -10.29
C GLY A 127 3.60 -5.91 -9.97
N THR A 128 3.68 -6.74 -11.00
CA THR A 128 3.62 -8.18 -10.83
C THR A 128 5.02 -8.78 -10.72
N ALA A 129 5.28 -9.50 -9.63
CA ALA A 129 6.58 -10.12 -9.44
C ALA A 129 6.60 -11.54 -10.00
N ARG A 130 7.72 -11.90 -10.63
CA ARG A 130 7.90 -13.26 -11.13
C ARG A 130 9.39 -13.56 -11.30
N GLY A 131 9.75 -14.83 -11.19
CA GLY A 131 11.13 -15.25 -11.35
C GLY A 131 11.58 -15.14 -12.79
N VAL A 132 12.89 -15.18 -13.02
CA VAL A 132 13.42 -15.13 -14.37
C VAL A 132 12.84 -16.29 -15.18
N ALA A 133 12.49 -17.37 -14.46
CA ALA A 133 11.82 -18.52 -15.06
C ALA A 133 10.55 -18.84 -14.28
N PRO A 134 9.45 -18.15 -14.63
CA PRO A 134 8.18 -18.18 -13.91
C PRO A 134 7.55 -19.57 -13.76
N ARG A 135 7.92 -20.52 -14.61
CA ARG A 135 7.31 -21.85 -14.53
C ARG A 135 8.29 -22.96 -14.14
N ALA A 136 9.52 -22.58 -13.84
CA ALA A 136 10.51 -23.54 -13.37
C ALA A 136 10.05 -24.16 -12.06
N ARG A 137 10.48 -25.39 -11.80
CA ARG A 137 10.12 -26.08 -10.57
C ARG A 137 11.13 -25.75 -9.47
N LEU A 138 10.65 -25.63 -8.24
CA LEU A 138 11.51 -25.30 -7.12
C LEU A 138 11.80 -26.48 -6.20
N ALA A 139 13.06 -26.64 -5.83
CA ALA A 139 13.47 -27.63 -4.84
C ALA A 139 14.36 -26.95 -3.80
N VAL A 140 13.82 -26.77 -2.60
CA VAL A 140 14.54 -26.06 -1.55
C VAL A 140 15.40 -26.97 -0.70
N TYR A 141 16.67 -26.60 -0.54
CA TYR A 141 17.59 -27.36 0.29
C TYR A 141 18.23 -26.44 1.33
N LYS A 142 17.74 -26.50 2.55
CA LYS A 142 18.20 -25.60 3.60
C LYS A 142 19.37 -26.17 4.40
N PHE A 143 20.49 -25.44 4.39
CA PHE A 143 21.66 -25.84 5.15
C PHE A 143 22.09 -24.71 6.08
N SER A 144 21.37 -23.60 6.02
CA SER A 144 21.70 -22.42 6.81
C SER A 144 20.61 -22.11 7.83
N PHE A 145 20.96 -22.22 9.12
CA PHE A 145 20.01 -21.98 10.20
C PHE A 145 20.45 -20.79 11.05
N ASN A 146 19.53 -20.24 11.84
CA ASN A 146 19.87 -19.16 12.74
C ASN A 146 20.92 -19.60 13.76
N GLU A 147 20.89 -20.88 14.12
CA GLU A 147 21.81 -21.42 15.12
C GLU A 147 23.19 -21.74 14.54
N GLY A 148 23.31 -21.73 13.22
CA GLY A 148 24.60 -21.97 12.59
C GLY A 148 24.54 -22.46 11.16
N THR A 149 25.65 -22.28 10.45
CA THR A 149 25.78 -22.75 9.07
C THR A 149 27.07 -23.57 8.96
N PHE A 150 26.96 -24.81 8.50
CA PHE A 150 28.11 -25.71 8.48
C PHE A 150 28.46 -26.26 7.11
N THR A 151 29.75 -26.20 6.78
CA THR A 151 30.26 -26.71 5.52
C THR A 151 29.67 -28.07 5.16
N SER A 152 29.87 -29.05 6.04
CA SER A 152 29.42 -30.42 5.75
C SER A 152 27.95 -30.45 5.40
N ASP A 153 27.15 -29.64 6.08
CA ASP A 153 25.72 -29.54 5.78
C ASP A 153 25.52 -29.01 4.36
N LEU A 154 26.27 -27.97 4.01
CA LEU A 154 26.22 -27.41 2.67
C LEU A 154 26.51 -28.48 1.62
N ILE A 155 27.61 -29.19 1.80
CA ILE A 155 28.00 -30.26 0.88
C ILE A 155 26.93 -31.35 0.81
N ALA A 156 26.33 -31.66 1.95
CA ALA A 156 25.28 -32.68 2.01
C ALA A 156 24.04 -32.22 1.24
N ALA A 157 23.79 -30.92 1.27
CA ALA A 157 22.65 -30.35 0.56
C ALA A 157 22.79 -30.49 -0.95
N MET A 158 23.95 -30.11 -1.47
CA MET A 158 24.21 -30.22 -2.90
C MET A 158 24.18 -31.68 -3.36
N ASP A 159 24.97 -32.52 -2.72
CA ASP A 159 25.02 -33.94 -3.06
C ASP A 159 23.60 -34.51 -3.19
N GLN A 160 22.73 -34.13 -2.26
CA GLN A 160 21.36 -34.60 -2.27
C GLN A 160 20.58 -34.02 -3.45
N ALA A 161 20.83 -32.76 -3.77
CA ALA A 161 20.17 -32.10 -4.89
C ALA A 161 20.57 -32.77 -6.20
N VAL A 162 21.86 -32.98 -6.39
CA VAL A 162 22.37 -33.65 -7.57
C VAL A 162 21.79 -35.06 -7.67
N ALA A 163 21.71 -35.74 -6.53
CA ALA A 163 21.18 -37.10 -6.49
C ALA A 163 19.68 -37.14 -6.79
N ASP A 164 18.98 -36.06 -6.44
CA ASP A 164 17.54 -35.99 -6.68
C ASP A 164 17.21 -35.82 -8.15
N GLY A 165 18.21 -35.43 -8.95
CA GLY A 165 18.03 -35.27 -10.38
C GLY A 165 17.78 -33.83 -10.79
N VAL A 166 18.26 -32.90 -9.97
CA VAL A 166 18.11 -31.48 -10.25
C VAL A 166 18.78 -31.08 -11.56
N ASP A 167 18.13 -30.21 -12.32
CA ASP A 167 18.68 -29.72 -13.58
C ASP A 167 19.71 -28.62 -13.35
N MET A 168 19.47 -27.78 -12.34
CA MET A 168 20.37 -26.67 -12.04
C MET A 168 20.49 -26.41 -10.55
N ILE A 169 21.60 -25.82 -10.13
CA ILE A 169 21.82 -25.47 -8.73
C ILE A 169 22.12 -23.99 -8.58
N SER A 170 21.45 -23.36 -7.62
CA SER A 170 21.69 -21.96 -7.33
C SER A 170 22.07 -21.79 -5.86
N ILE A 171 23.20 -21.12 -5.62
CA ILE A 171 23.68 -20.94 -4.26
C ILE A 171 24.33 -19.58 -4.07
N SER A 172 23.76 -18.77 -3.18
CA SER A 172 24.26 -17.42 -2.92
C SER A 172 25.10 -17.38 -1.65
N TYR A 173 26.16 -18.18 -1.59
CA TYR A 173 27.08 -18.19 -0.47
C TYR A 173 28.51 -18.28 -0.98
N GLY A 174 29.47 -17.80 -0.19
CA GLY A 174 30.87 -17.83 -0.59
C GLY A 174 31.84 -17.80 0.57
N TYR A 175 32.91 -18.59 0.44
CA TYR A 175 33.98 -18.62 1.42
C TYR A 175 35.30 -18.20 0.79
N ARG A 176 36.14 -17.53 1.55
CA ARG A 176 37.40 -17.03 1.03
C ARG A 176 38.60 -17.40 1.91
N PHE A 177 39.78 -17.40 1.31
CA PHE A 177 41.01 -17.67 2.04
C PHE A 177 41.27 -19.16 2.27
N ILE A 178 40.78 -19.99 1.35
CA ILE A 178 41.03 -21.43 1.46
C ILE A 178 41.25 -22.09 0.09
N PRO A 179 42.21 -23.02 0.03
CA PRO A 179 42.53 -23.77 -1.19
C PRO A 179 41.36 -24.66 -1.64
N LEU A 180 41.40 -25.07 -2.90
CA LEU A 180 40.30 -25.85 -3.47
C LEU A 180 39.89 -27.04 -2.60
N TYR A 181 40.87 -27.81 -2.15
CA TYR A 181 40.59 -29.02 -1.38
C TYR A 181 40.02 -28.73 0.00
N GLU A 182 39.84 -27.44 0.30
CA GLU A 182 39.21 -27.04 1.55
C GLU A 182 37.97 -26.19 1.26
N ASP A 183 37.63 -26.11 -0.01
CA ASP A 183 36.53 -25.26 -0.48
C ASP A 183 35.24 -26.07 -0.66
N ALA A 184 34.39 -26.04 0.37
CA ALA A 184 33.15 -26.80 0.36
C ALA A 184 32.37 -26.65 -0.95
N ILE A 185 31.98 -25.41 -1.26
CA ILE A 185 31.16 -25.16 -2.43
C ILE A 185 31.80 -25.69 -3.71
N SER A 186 33.12 -25.56 -3.80
CA SER A 186 33.84 -26.03 -4.98
C SER A 186 33.85 -27.55 -5.06
N ILE A 187 34.16 -28.20 -3.95
CA ILE A 187 34.18 -29.66 -3.90
C ILE A 187 32.86 -30.22 -4.42
N ALA A 188 31.75 -29.74 -3.85
CA ALA A 188 30.43 -30.18 -4.26
C ALA A 188 30.14 -29.78 -5.70
N SER A 189 30.55 -28.58 -6.08
CA SER A 189 30.36 -28.10 -7.44
C SER A 189 31.00 -29.06 -8.44
N PHE A 190 32.19 -29.54 -8.13
CA PHE A 190 32.87 -30.49 -9.00
C PHE A 190 32.00 -31.73 -9.22
N GLY A 191 31.45 -32.26 -8.13
CA GLY A 191 30.56 -33.41 -8.22
C GLY A 191 29.36 -33.12 -9.10
N ALA A 192 28.74 -31.96 -8.88
CA ALA A 192 27.60 -31.53 -9.68
C ALA A 192 27.96 -31.48 -11.16
N MET A 193 29.10 -30.87 -11.47
CA MET A 193 29.56 -30.77 -12.85
C MET A 193 29.80 -32.16 -13.44
N MET A 194 30.47 -33.03 -12.68
CA MET A 194 30.76 -34.38 -13.14
C MET A 194 29.50 -35.12 -13.55
N LYS A 195 28.35 -34.67 -13.07
CA LYS A 195 27.09 -35.34 -13.36
C LYS A 195 26.14 -34.48 -14.19
N GLY A 196 26.70 -33.50 -14.90
CA GLY A 196 25.94 -32.68 -15.82
C GLY A 196 24.97 -31.70 -15.18
N VAL A 197 25.40 -31.12 -14.06
CA VAL A 197 24.58 -30.12 -13.37
C VAL A 197 25.39 -28.85 -13.15
N LEU A 198 24.94 -27.75 -13.75
CA LEU A 198 25.63 -26.47 -13.63
C LEU A 198 25.29 -25.79 -12.31
N VAL A 199 26.27 -25.10 -11.74
CA VAL A 199 26.10 -24.42 -10.46
C VAL A 199 26.33 -22.91 -10.59
N SER A 200 25.28 -22.14 -10.39
CA SER A 200 25.39 -20.69 -10.39
C SER A 200 25.64 -20.20 -8.97
N ALA A 201 26.75 -19.51 -8.76
CA ALA A 201 27.11 -19.02 -7.44
C ALA A 201 27.54 -17.55 -7.48
N SER A 202 27.06 -16.78 -6.52
CA SER A 202 27.42 -15.38 -6.39
C SER A 202 28.94 -15.23 -6.36
N ALA A 203 29.42 -14.08 -6.80
CA ALA A 203 30.86 -13.83 -6.88
C ALA A 203 31.40 -13.25 -5.58
N GLY A 204 30.50 -12.80 -4.71
CA GLY A 204 30.89 -12.17 -3.45
C GLY A 204 30.63 -10.67 -3.49
N ASN A 205 30.56 -10.06 -2.30
CA ASN A 205 30.24 -8.65 -2.19
C ASN A 205 31.35 -7.84 -1.52
N ARG A 206 32.58 -8.31 -1.68
CA ARG A 206 33.74 -7.63 -1.09
C ARG A 206 34.60 -6.92 -2.12
N GLY A 207 33.97 -6.41 -3.17
CA GLY A 207 34.68 -5.62 -4.18
C GLY A 207 35.08 -4.28 -3.63
N PRO A 208 35.77 -3.46 -4.45
CA PRO A 208 36.18 -3.80 -5.81
C PRO A 208 37.65 -4.21 -5.86
N GLY A 209 38.23 -4.50 -4.71
CA GLY A 209 39.62 -4.93 -4.63
C GLY A 209 39.94 -6.12 -5.52
N ILE A 210 41.05 -6.05 -6.23
CA ILE A 210 41.47 -7.11 -7.14
C ILE A 210 41.46 -8.47 -6.47
N GLY A 211 41.02 -9.49 -7.20
CA GLY A 211 41.00 -10.87 -6.72
C GLY A 211 40.32 -11.00 -5.36
N SER A 212 39.14 -10.41 -5.22
CA SER A 212 38.39 -10.45 -3.97
C SER A 212 37.19 -11.37 -4.07
N LEU A 213 36.95 -11.93 -5.25
CA LEU A 213 35.78 -12.77 -5.47
C LEU A 213 35.95 -14.16 -4.87
N ASN A 214 34.84 -14.89 -4.80
CA ASN A 214 34.88 -16.30 -4.37
C ASN A 214 34.07 -17.16 -5.33
N ASN A 215 34.07 -18.47 -5.09
CA ASN A 215 33.42 -19.40 -6.01
C ASN A 215 34.01 -19.30 -7.41
N GLY A 216 35.22 -18.76 -7.49
CA GLY A 216 35.92 -18.64 -8.77
C GLY A 216 36.55 -19.94 -9.22
N SER A 217 35.71 -20.97 -9.39
CA SER A 217 36.17 -22.28 -9.84
C SER A 217 35.73 -22.57 -11.27
N PRO A 218 36.59 -23.26 -12.03
CA PRO A 218 36.34 -23.59 -13.43
C PRO A 218 35.02 -24.31 -13.64
N TRP A 219 34.60 -25.09 -12.66
CA TRP A 219 33.38 -25.89 -12.78
C TRP A 219 32.17 -25.19 -12.12
N ILE A 220 32.29 -23.89 -11.94
CA ILE A 220 31.19 -23.09 -11.41
C ILE A 220 30.92 -21.88 -12.31
N LEU A 221 29.65 -21.55 -12.48
CA LEU A 221 29.26 -20.33 -13.17
C LEU A 221 29.29 -19.17 -12.18
N CYS A 222 30.40 -18.44 -12.17
CA CYS A 222 30.60 -17.34 -11.23
C CYS A 222 29.87 -16.08 -11.71
N VAL A 223 28.95 -15.57 -10.87
CA VAL A 223 28.09 -14.45 -11.27
C VAL A 223 28.40 -13.14 -10.55
N ALA A 224 28.41 -12.05 -11.31
CA ALA A 224 28.64 -10.72 -10.76
C ALA A 224 27.35 -9.89 -10.77
N SER A 225 27.31 -8.85 -9.93
CA SER A 225 26.10 -8.06 -9.75
C SER A 225 26.14 -6.70 -10.45
N GLY A 226 25.09 -6.41 -11.21
CA GLY A 226 24.98 -5.12 -11.90
C GLY A 226 23.73 -4.35 -11.51
N HIS A 227 23.76 -3.05 -11.73
CA HIS A 227 22.58 -2.21 -11.52
C HIS A 227 21.61 -2.41 -12.68
N THR A 228 20.35 -2.09 -12.44
CA THR A 228 19.37 -2.06 -13.52
C THR A 228 19.13 -0.61 -13.93
N ASP A 229 18.15 -0.39 -14.80
CA ASP A 229 17.81 0.96 -15.23
C ASP A 229 16.73 1.55 -14.34
N ARG A 230 16.44 0.87 -13.23
CA ARG A 230 15.39 1.31 -12.32
C ARG A 230 15.94 2.26 -11.25
N THR A 231 15.18 3.31 -10.97
CA THR A 231 15.55 4.26 -9.92
C THR A 231 14.32 4.65 -9.10
N PHE A 232 14.56 5.03 -7.84
CA PHE A 232 13.46 5.37 -6.95
C PHE A 232 13.50 6.85 -6.57
N ALA A 233 12.36 7.51 -6.70
CA ALA A 233 12.33 8.96 -6.71
C ALA A 233 11.78 9.64 -5.46
N GLY A 234 12.49 10.70 -5.07
CA GLY A 234 11.97 11.70 -4.16
C GLY A 234 12.06 13.01 -4.92
N THR A 235 11.07 13.28 -5.75
CA THR A 235 11.06 14.51 -6.53
C THR A 235 11.17 15.72 -5.61
N LEU A 236 12.16 16.57 -5.87
CA LEU A 236 12.39 17.74 -5.04
C LEU A 236 12.01 19.02 -5.78
N THR A 237 11.13 19.81 -5.17
CA THR A 237 10.71 21.07 -5.76
C THR A 237 10.98 22.22 -4.79
N LEU A 238 11.70 23.24 -5.26
CA LEU A 238 11.99 24.40 -4.43
C LEU A 238 10.92 25.48 -4.63
N GLY A 239 10.89 26.44 -3.72
CA GLY A 239 9.92 27.53 -3.79
C GLY A 239 10.01 28.33 -5.06
N ASN A 240 11.18 28.28 -5.71
CA ASN A 240 11.40 29.04 -6.94
C ASN A 240 10.95 28.29 -8.19
N GLY A 241 10.44 27.08 -8.00
CA GLY A 241 9.94 26.28 -9.12
C GLY A 241 10.90 25.21 -9.58
N LEU A 242 12.15 25.31 -9.15
CA LEU A 242 13.16 24.32 -9.54
C LEU A 242 12.75 22.91 -9.12
N LYS A 243 12.71 22.00 -10.10
CA LYS A 243 12.30 20.63 -9.85
C LYS A 243 13.43 19.64 -10.12
N ILE A 244 13.73 18.80 -9.14
CA ILE A 244 14.82 17.84 -9.24
C ILE A 244 14.38 16.43 -8.84
N ARG A 245 14.69 15.45 -9.69
CA ARG A 245 14.39 14.06 -9.37
C ARG A 245 15.53 13.41 -8.60
N GLY A 246 15.52 13.58 -7.28
CA GLY A 246 16.56 13.00 -6.43
C GLY A 246 16.29 11.55 -6.11
N TRP A 247 17.07 11.01 -5.18
CA TRP A 247 16.93 9.62 -4.77
C TRP A 247 16.33 9.50 -3.38
N SER A 248 15.45 8.52 -3.21
CA SER A 248 14.82 8.30 -1.90
C SER A 248 14.13 6.95 -1.84
N LEU A 249 14.18 6.32 -0.67
CA LEU A 249 13.48 5.06 -0.44
C LEU A 249 12.70 5.06 0.86
N PHE A 250 12.25 6.23 1.28
CA PHE A 250 11.39 6.32 2.46
C PHE A 250 10.18 5.42 2.27
N PRO A 251 9.96 4.48 3.20
CA PRO A 251 8.96 3.43 3.05
C PRO A 251 7.53 3.87 3.38
N ALA A 252 7.14 5.05 2.94
CA ALA A 252 5.78 5.53 3.17
C ALA A 252 5.51 6.81 2.39
N ARG A 253 4.23 7.09 2.14
CA ARG A 253 3.83 8.28 1.41
C ARG A 253 3.89 9.51 2.30
N ALA A 254 5.11 9.98 2.58
CA ALA A 254 5.29 11.13 3.45
C ALA A 254 4.73 12.40 2.82
N PHE A 255 4.29 13.32 3.67
CA PHE A 255 3.72 14.58 3.21
C PHE A 255 4.59 15.76 3.64
N VAL A 256 5.49 16.17 2.77
CA VAL A 256 6.34 17.33 3.01
C VAL A 256 6.15 18.34 1.88
N ARG A 257 5.34 19.35 2.14
CA ARG A 257 4.97 20.32 1.11
C ARG A 257 5.21 21.75 1.60
N ASP A 258 5.87 22.54 0.76
CA ASP A 258 6.12 23.95 1.09
C ASP A 258 6.65 24.14 2.50
N SER A 259 7.63 23.32 2.89
CA SER A 259 8.27 23.46 4.19
C SER A 259 9.54 24.30 4.08
N PRO A 260 9.85 25.05 5.14
CA PRO A 260 11.02 25.92 5.17
C PRO A 260 12.33 25.13 5.16
N VAL A 261 13.23 25.48 4.25
CA VAL A 261 14.53 24.83 4.15
C VAL A 261 15.61 25.74 4.72
N ILE A 262 16.56 25.16 5.45
CA ILE A 262 17.66 25.93 6.02
C ILE A 262 19.02 25.35 5.65
N TYR A 263 19.99 26.23 5.44
CA TYR A 263 21.37 25.81 5.21
C TYR A 263 22.32 26.58 6.12
N ASN A 264 22.82 25.90 7.14
CA ASN A 264 23.67 26.53 8.15
C ASN A 264 24.99 25.78 8.32
N LYS A 265 26.04 26.27 7.67
CA LYS A 265 27.34 25.62 7.69
C LYS A 265 27.75 25.07 9.05
N THR A 266 27.34 25.75 10.12
CA THR A 266 27.70 25.31 11.47
C THR A 266 27.17 23.91 11.77
N LEU A 267 26.21 23.46 10.97
CA LEU A 267 25.62 22.14 11.18
C LEU A 267 25.43 21.39 9.85
N SER A 268 25.66 22.08 8.75
CA SER A 268 25.51 21.49 7.42
C SER A 268 26.26 20.16 7.34
N ASP A 269 27.08 19.88 8.34
CA ASP A 269 27.85 18.64 8.39
C ASP A 269 26.94 17.47 8.75
N CYS A 270 25.92 17.75 9.56
CA CYS A 270 24.97 16.72 9.98
C CYS A 270 25.67 15.55 10.65
N SER A 271 26.57 15.86 11.58
CA SER A 271 27.29 14.83 12.32
C SER A 271 27.19 15.05 13.83
N SER A 272 26.60 16.17 14.22
CA SER A 272 26.45 16.49 15.64
C SER A 272 24.99 16.48 16.06
N GLU A 273 24.68 15.62 17.03
CA GLU A 273 23.34 15.56 17.59
C GLU A 273 23.06 16.83 18.40
N GLU A 274 24.08 17.31 19.08
CA GLU A 274 23.98 18.53 19.88
C GLU A 274 23.60 19.72 19.00
N LEU A 275 24.33 19.88 17.89
CA LEU A 275 24.06 20.97 16.97
C LEU A 275 22.66 20.85 16.37
N LEU A 276 22.38 19.71 15.76
CA LEU A 276 21.09 19.48 15.12
C LEU A 276 19.92 19.66 16.09
N SER A 277 20.19 19.45 17.38
CA SER A 277 19.15 19.60 18.39
C SER A 277 18.87 21.06 18.67
N GLN A 278 19.67 21.93 18.07
CA GLN A 278 19.57 23.38 18.30
C GLN A 278 18.72 24.07 17.23
N VAL A 279 18.28 23.31 16.24
CA VAL A 279 17.43 23.87 15.19
C VAL A 279 15.98 23.92 15.65
N GLU A 280 15.50 25.13 15.91
CA GLU A 280 14.13 25.33 16.38
C GLU A 280 13.11 24.73 15.43
N ASN A 281 11.97 24.33 15.95
CA ASN A 281 10.92 23.74 15.14
C ASN A 281 11.47 22.73 14.15
N PRO A 282 12.20 21.74 14.67
CA PRO A 282 12.85 20.73 13.84
C PRO A 282 11.83 19.82 13.15
N GLU A 283 10.58 19.90 13.59
CA GLU A 283 9.54 19.01 13.08
C GLU A 283 8.82 19.59 11.87
N ASN A 284 9.11 20.84 11.56
CA ASN A 284 8.51 21.49 10.39
C ASN A 284 9.56 22.08 9.45
N THR A 285 10.83 21.85 9.77
CA THR A 285 11.92 22.43 8.98
C THR A 285 12.75 21.35 8.26
N ILE A 286 13.30 21.73 7.11
CA ILE A 286 14.15 20.83 6.34
C ILE A 286 15.58 21.33 6.33
N VAL A 287 16.49 20.51 6.84
CA VAL A 287 17.90 20.89 6.90
C VAL A 287 18.68 20.26 5.75
N ILE A 288 19.64 21.00 5.21
CA ILE A 288 20.49 20.50 4.14
C ILE A 288 21.81 19.98 4.69
N CYS A 289 22.20 18.77 4.25
CA CYS A 289 23.45 18.17 4.70
C CYS A 289 24.49 18.19 3.59
N ASP A 290 25.70 18.63 3.93
CA ASP A 290 26.81 18.62 2.99
C ASP A 290 27.37 17.21 2.84
N ASP A 291 28.15 17.01 1.77
CA ASP A 291 28.78 15.71 1.53
C ASP A 291 29.97 15.53 2.46
N ASN A 292 29.88 14.53 3.33
CA ASN A 292 30.97 14.24 4.26
C ASN A 292 31.44 12.79 4.19
N GLY A 293 31.02 12.09 3.14
CA GLY A 293 31.45 10.72 2.90
C GLY A 293 30.73 9.66 3.71
N ASP A 294 29.91 10.09 4.67
CA ASP A 294 29.19 9.14 5.51
C ASP A 294 27.70 9.47 5.59
N PHE A 295 27.00 9.29 4.47
CA PHE A 295 25.57 9.57 4.39
C PHE A 295 24.76 8.81 5.43
N SER A 296 25.02 7.51 5.57
CA SER A 296 24.25 6.68 6.48
C SER A 296 24.30 7.18 7.91
N ASP A 297 25.40 7.83 8.27
CA ASP A 297 25.51 8.43 9.60
C ASP A 297 24.63 9.67 9.67
N GLN A 298 24.69 10.49 8.63
CA GLN A 298 23.85 11.67 8.53
C GLN A 298 22.38 11.27 8.70
N MET A 299 21.94 10.31 7.91
CA MET A 299 20.58 9.81 8.00
C MET A 299 20.22 9.48 9.45
N ARG A 300 21.15 8.84 10.15
CA ARG A 300 20.93 8.45 11.54
C ARG A 300 20.76 9.69 12.43
N ILE A 301 21.69 10.64 12.32
CA ILE A 301 21.62 11.85 13.11
C ILE A 301 20.35 12.64 12.82
N ILE A 302 19.94 12.66 11.56
CA ILE A 302 18.71 13.33 11.16
C ILE A 302 17.48 12.63 11.74
N THR A 303 17.47 11.30 11.65
CA THR A 303 16.36 10.50 12.16
C THR A 303 16.21 10.66 13.67
N ARG A 304 17.33 10.78 14.38
CA ARG A 304 17.29 10.94 15.82
C ARG A 304 16.73 12.31 16.21
N ALA A 305 17.05 13.32 15.42
CA ALA A 305 16.62 14.70 15.69
C ALA A 305 15.16 14.95 15.31
N ARG A 306 14.62 14.10 14.43
CA ARG A 306 13.21 14.19 14.08
C ARG A 306 12.88 15.37 13.17
N LEU A 307 13.81 15.71 12.27
CA LEU A 307 13.56 16.75 11.29
C LEU A 307 12.44 16.31 10.36
N LYS A 308 11.72 17.27 9.79
CA LYS A 308 10.65 16.94 8.86
C LYS A 308 11.23 16.24 7.63
N ALA A 309 12.50 16.52 7.36
CA ALA A 309 13.20 15.90 6.25
C ALA A 309 14.59 16.51 6.09
N ALA A 310 15.40 15.91 5.24
CA ALA A 310 16.74 16.42 4.98
C ALA A 310 17.10 16.23 3.51
N ILE A 311 17.80 17.21 2.95
CA ILE A 311 18.32 17.09 1.60
C ILE A 311 19.80 16.72 1.66
N PHE A 312 20.11 15.47 1.33
CA PHE A 312 21.48 14.98 1.43
C PHE A 312 22.24 15.14 0.13
N ILE A 313 23.40 15.79 0.21
CA ILE A 313 24.27 15.93 -0.95
C ILE A 313 25.30 14.80 -0.96
N SER A 314 25.14 13.86 -1.89
CA SER A 314 26.03 12.71 -1.95
C SER A 314 25.94 12.00 -3.30
N GLU A 315 27.07 11.48 -3.75
CA GLU A 315 27.13 10.68 -4.96
C GLU A 315 27.78 9.33 -4.66
N ASP A 316 28.02 9.09 -3.38
CA ASP A 316 28.53 7.81 -2.93
C ASP A 316 27.64 6.67 -3.45
N PRO A 317 28.24 5.73 -4.19
CA PRO A 317 27.50 4.62 -4.79
C PRO A 317 26.80 3.76 -3.74
N GLY A 318 27.40 3.65 -2.56
CA GLY A 318 26.83 2.84 -1.49
C GLY A 318 25.40 3.23 -1.15
N VAL A 319 25.07 4.50 -1.39
CA VAL A 319 23.73 5.01 -1.09
C VAL A 319 22.67 4.35 -1.97
N PHE A 320 23.04 4.03 -3.21
CA PHE A 320 22.09 3.52 -4.18
C PHE A 320 21.99 2.00 -4.16
N ARG A 321 22.46 1.40 -3.07
CA ARG A 321 22.37 -0.03 -2.87
C ARG A 321 21.57 -0.36 -1.61
N SER A 322 21.29 0.67 -0.82
CA SER A 322 20.64 0.50 0.48
C SER A 322 19.18 0.96 0.49
N ALA A 323 18.32 0.16 1.11
CA ALA A 323 16.91 0.51 1.25
C ALA A 323 16.63 1.10 2.62
N THR A 324 17.70 1.44 3.34
CA THR A 324 17.58 2.01 4.67
C THR A 324 17.36 3.52 4.58
N PHE A 325 16.10 3.94 4.72
CA PHE A 325 15.74 5.35 4.60
C PHE A 325 14.60 5.65 5.58
N PRO A 326 14.91 5.59 6.89
CA PRO A 326 13.94 5.68 7.98
C PRO A 326 13.29 7.06 8.15
N ASN A 327 13.83 8.08 7.50
CA ASN A 327 13.28 9.43 7.63
C ASN A 327 13.12 10.11 6.27
N PRO A 328 12.02 10.84 6.09
CA PRO A 328 11.77 11.52 4.82
C PRO A 328 12.98 12.33 4.41
N GLY A 329 13.28 12.34 3.11
CA GLY A 329 14.43 13.10 2.60
C GLY A 329 14.80 12.68 1.20
N VAL A 330 15.78 13.39 0.62
CA VAL A 330 16.27 13.08 -0.72
C VAL A 330 17.77 13.23 -0.83
N VAL A 331 18.36 12.47 -1.76
CA VAL A 331 19.79 12.56 -2.03
C VAL A 331 19.98 13.16 -3.42
N VAL A 332 20.89 14.14 -3.50
CA VAL A 332 21.16 14.82 -4.75
C VAL A 332 22.66 14.85 -5.03
N ASN A 333 23.02 14.94 -6.30
CA ASN A 333 24.43 14.99 -6.69
C ASN A 333 25.06 16.35 -6.37
N LYS A 334 26.36 16.47 -6.64
CA LYS A 334 27.10 17.69 -6.33
C LYS A 334 26.54 18.95 -7.00
N LYS A 335 26.25 18.85 -8.29
CA LYS A 335 25.73 19.99 -9.03
C LYS A 335 24.38 20.44 -8.47
N GLU A 336 23.43 19.51 -8.43
CA GLU A 336 22.10 19.80 -7.89
C GLU A 336 22.20 20.35 -6.48
N GLY A 337 23.15 19.83 -5.71
CA GLY A 337 23.37 20.28 -4.35
C GLY A 337 23.66 21.76 -4.28
N LYS A 338 24.36 22.27 -5.30
CA LYS A 338 24.69 23.69 -5.36
C LYS A 338 23.47 24.52 -5.73
N GLN A 339 22.70 24.04 -6.71
CA GLN A 339 21.47 24.71 -7.10
C GLN A 339 20.57 24.92 -5.90
N VAL A 340 20.46 23.90 -5.06
CA VAL A 340 19.60 23.96 -3.87
C VAL A 340 20.15 24.94 -2.85
N ILE A 341 21.42 24.77 -2.48
CA ILE A 341 22.05 25.65 -1.51
C ILE A 341 21.98 27.11 -1.96
N ASN A 342 22.10 27.32 -3.26
CA ASN A 342 22.04 28.67 -3.81
C ASN A 342 20.66 29.29 -3.56
N TYR A 343 19.62 28.63 -4.07
CA TYR A 343 18.26 29.09 -3.87
C TYR A 343 18.02 29.57 -2.44
N VAL A 344 18.52 28.80 -1.48
CA VAL A 344 18.30 29.09 -0.06
C VAL A 344 19.01 30.35 0.41
N LYS A 345 20.24 30.56 -0.07
CA LYS A 345 21.01 31.74 0.32
C LYS A 345 20.43 33.03 -0.28
N ASN A 346 19.91 32.91 -1.50
CA ASN A 346 19.35 34.07 -2.18
C ASN A 346 17.87 34.28 -1.87
N SER A 347 17.45 33.87 -0.68
CA SER A 347 16.05 33.99 -0.31
C SER A 347 15.83 33.96 1.19
N VAL A 348 14.85 34.75 1.64
CA VAL A 348 14.33 34.64 3.00
C VAL A 348 12.96 34.00 2.88
N THR A 349 12.79 32.83 3.52
CA THR A 349 11.56 32.08 3.39
C THR A 349 11.67 31.04 2.28
N PRO A 350 12.89 30.50 2.09
CA PRO A 350 13.09 29.44 1.11
C PRO A 350 12.37 28.16 1.55
N THR A 351 11.48 27.66 0.70
CA THR A 351 10.72 26.46 1.03
C THR A 351 10.99 25.35 0.02
N ALA A 352 10.48 24.15 0.31
CA ALA A 352 10.67 23.01 -0.58
C ALA A 352 9.58 21.96 -0.40
N THR A 353 9.42 21.10 -1.40
CA THR A 353 8.44 20.03 -1.36
C THR A 353 9.05 18.75 -1.89
N ILE A 354 8.80 17.64 -1.20
CA ILE A 354 9.33 16.34 -1.60
C ILE A 354 8.24 15.27 -1.58
N THR A 355 8.03 14.62 -2.73
CA THR A 355 7.10 13.51 -2.80
C THR A 355 7.86 12.19 -2.77
N PHE A 356 7.15 11.09 -2.57
CA PHE A 356 7.81 9.80 -2.39
C PHE A 356 7.11 8.65 -3.11
N GLN A 357 7.64 7.45 -2.93
CA GLN A 357 7.10 6.25 -3.56
C GLN A 357 6.98 6.40 -5.08
N GLU A 358 8.05 6.89 -5.70
CA GLU A 358 8.11 7.01 -7.15
C GLU A 358 9.21 6.11 -7.71
N THR A 359 8.87 5.29 -8.69
CA THR A 359 9.87 4.42 -9.33
C THR A 359 9.93 4.70 -10.83
N TYR A 360 11.13 4.92 -11.35
CA TYR A 360 11.33 5.20 -12.77
C TYR A 360 12.22 4.15 -13.42
N LEU A 361 11.91 3.81 -14.67
CA LEU A 361 12.65 2.79 -15.40
C LEU A 361 13.32 3.38 -16.63
N ASP A 362 14.14 4.41 -16.42
CA ASP A 362 14.78 5.11 -17.54
C ASP A 362 16.27 5.34 -17.36
N THR A 363 16.79 5.03 -16.18
CA THR A 363 18.18 5.33 -15.85
C THR A 363 19.16 5.04 -16.99
N LYS A 364 20.21 5.86 -17.07
CA LYS A 364 21.29 5.67 -18.03
C LYS A 364 22.60 6.12 -17.40
N PRO A 365 23.67 5.33 -17.60
CA PRO A 365 23.67 4.11 -18.38
C PRO A 365 23.33 2.88 -17.53
N ALA A 366 22.93 1.80 -18.19
CA ALA A 366 22.63 0.55 -17.50
C ALA A 366 22.78 -0.62 -18.46
N PRO A 367 23.27 -1.77 -17.94
CA PRO A 367 23.58 -1.93 -16.53
C PRO A 367 24.91 -1.30 -16.15
N VAL A 368 25.28 -1.42 -14.88
CA VAL A 368 26.57 -0.95 -14.39
C VAL A 368 27.03 -1.89 -13.29
N VAL A 369 28.31 -2.25 -13.31
CA VAL A 369 28.83 -3.19 -12.33
C VAL A 369 28.81 -2.58 -10.93
N ALA A 370 28.20 -3.29 -9.99
CA ALA A 370 28.14 -2.86 -8.61
C ALA A 370 29.54 -2.70 -8.03
N ALA A 371 29.79 -1.56 -7.39
CA ALA A 371 31.11 -1.26 -6.84
C ALA A 371 31.56 -2.28 -5.81
N SER A 372 30.60 -3.06 -5.30
CA SER A 372 30.89 -4.02 -4.23
C SER A 372 30.98 -5.45 -4.76
N SER A 373 30.66 -5.63 -6.03
CA SER A 373 30.73 -6.95 -6.65
C SER A 373 32.18 -7.44 -6.69
N ALA A 374 32.42 -8.62 -6.14
CA ALA A 374 33.78 -9.17 -6.05
C ALA A 374 34.45 -9.25 -7.42
N ARG A 375 35.77 -9.03 -7.43
CA ARG A 375 36.51 -8.97 -8.69
C ARG A 375 37.57 -10.07 -8.82
N GLY A 376 37.78 -10.52 -10.05
CA GLY A 376 38.82 -11.50 -10.34
C GLY A 376 40.20 -10.88 -10.27
N PRO A 377 41.24 -11.67 -10.61
CA PRO A 377 41.09 -13.07 -10.99
C PRO A 377 40.91 -13.96 -9.75
N SER A 378 40.41 -15.18 -9.98
CA SER A 378 40.14 -16.11 -8.88
C SER A 378 41.40 -16.55 -8.15
N ARG A 379 41.46 -16.24 -6.86
CA ARG A 379 42.58 -16.67 -6.03
C ARG A 379 42.40 -18.14 -5.64
N SER A 380 41.33 -18.75 -6.14
CA SER A 380 41.13 -20.19 -6.03
C SER A 380 41.86 -20.84 -7.19
N TYR A 381 41.86 -20.15 -8.32
CA TYR A 381 42.55 -20.62 -9.52
C TYR A 381 42.68 -19.51 -10.55
N LEU A 382 43.88 -18.94 -10.66
CA LEU A 382 44.13 -17.87 -11.61
C LEU A 382 43.94 -18.34 -13.05
N GLY A 383 44.08 -19.66 -13.25
CA GLY A 383 44.07 -20.25 -14.58
C GLY A 383 42.93 -19.82 -15.48
N ILE A 384 41.74 -19.64 -14.92
CA ILE A 384 40.57 -19.28 -15.70
C ILE A 384 39.92 -17.99 -15.22
N SER A 385 39.48 -17.17 -16.17
CA SER A 385 38.98 -15.83 -15.88
C SER A 385 37.66 -15.84 -15.10
N LYS A 386 37.59 -14.99 -14.06
CA LYS A 386 36.40 -14.87 -13.24
C LYS A 386 36.19 -13.41 -12.82
N PRO A 387 34.92 -13.00 -12.65
CA PRO A 387 33.73 -13.84 -12.81
C PRO A 387 33.41 -14.11 -14.27
N ASP A 388 32.34 -14.85 -14.51
CA ASP A 388 31.98 -15.26 -15.86
C ASP A 388 31.00 -14.32 -16.54
N ILE A 389 29.98 -13.87 -15.80
CA ILE A 389 28.91 -13.10 -16.40
C ILE A 389 28.26 -12.11 -15.42
N LEU A 390 27.51 -11.16 -15.97
CA LEU A 390 26.88 -10.12 -15.16
C LEU A 390 25.37 -10.34 -15.13
N ALA A 391 24.73 -9.92 -14.03
CA ALA A 391 23.29 -10.07 -13.90
C ALA A 391 22.74 -9.10 -12.85
N PRO A 392 21.44 -8.79 -12.94
CA PRO A 392 20.78 -7.84 -12.04
C PRO A 392 20.96 -8.25 -10.57
N GLY A 393 21.52 -7.36 -9.77
CA GLY A 393 21.77 -7.67 -8.37
C GLY A 393 21.50 -6.54 -7.40
N VAL A 394 21.39 -5.32 -7.92
CA VAL A 394 21.19 -4.16 -7.07
C VAL A 394 19.70 -3.86 -6.85
N LEU A 395 19.30 -3.80 -5.58
CA LEU A 395 17.93 -3.52 -5.22
C LEU A 395 16.93 -4.30 -6.07
N ILE A 396 16.86 -5.62 -5.83
CA ILE A 396 15.91 -6.47 -6.54
C ILE A 396 14.71 -6.78 -5.65
N LEU A 397 13.50 -6.67 -6.20
CA LEU A 397 12.29 -6.97 -5.46
C LEU A 397 11.94 -8.45 -5.55
N ALA A 398 11.75 -9.08 -4.38
CA ALA A 398 11.38 -10.48 -4.34
C ALA A 398 10.68 -10.85 -3.03
N ALA A 399 10.13 -12.05 -2.98
CA ALA A 399 9.40 -12.52 -1.81
C ALA A 399 10.24 -12.45 -0.54
N TYR A 400 9.58 -12.41 0.61
CA TYR A 400 10.24 -12.26 1.89
C TYR A 400 9.32 -12.74 3.00
N PRO A 401 9.90 -13.37 4.04
CA PRO A 401 9.11 -13.82 5.18
C PRO A 401 8.36 -12.65 5.81
N PRO A 402 7.06 -12.81 6.06
CA PRO A 402 6.20 -11.74 6.53
C PRO A 402 6.45 -11.37 8.00
N ASN A 403 7.14 -12.24 8.73
CA ASN A 403 7.29 -12.06 10.17
C ASN A 403 8.72 -11.75 10.62
N VAL A 404 9.48 -11.06 9.78
CA VAL A 404 10.84 -10.67 10.14
C VAL A 404 11.09 -9.21 9.76
N PHE A 405 12.08 -8.60 10.40
CA PHE A 405 12.42 -7.20 10.14
C PHE A 405 12.71 -6.95 8.66
N ALA A 406 12.01 -5.98 8.08
CA ALA A 406 12.20 -5.63 6.68
C ALA A 406 12.95 -4.29 6.54
N THR A 407 12.31 -3.22 6.98
CA THR A 407 12.95 -1.90 6.97
C THR A 407 12.51 -1.09 8.20
N SER A 408 12.76 0.21 8.18
CA SER A 408 12.53 1.01 9.38
C SER A 408 12.03 2.43 9.13
N ILE A 409 11.20 2.92 10.06
CA ILE A 409 10.77 4.32 10.06
C ILE A 409 11.06 4.91 11.44
N GLY A 410 11.47 6.17 11.48
CA GLY A 410 11.89 6.77 12.73
C GLY A 410 12.89 5.86 13.41
N THR A 411 13.14 6.10 14.70
CA THR A 411 14.13 5.32 15.43
C THR A 411 13.52 4.11 16.14
N ASN A 412 12.19 4.05 16.19
CA ASN A 412 11.52 3.03 16.99
C ASN A 412 10.57 2.11 16.23
N ILE A 413 10.30 2.42 14.97
CA ILE A 413 9.32 1.64 14.22
C ILE A 413 9.95 0.71 13.17
N LEU A 414 9.78 -0.59 13.39
CA LEU A 414 10.24 -1.59 12.44
C LEU A 414 9.07 -2.03 11.57
N LEU A 415 9.34 -2.27 10.28
CA LEU A 415 8.29 -2.68 9.36
C LEU A 415 8.60 -4.05 8.78
N SER A 416 7.54 -4.77 8.41
CA SER A 416 7.69 -6.06 7.76
C SER A 416 6.95 -6.03 6.42
N THR A 417 7.15 -7.06 5.60
CA THR A 417 6.59 -7.06 4.26
C THR A 417 6.61 -8.44 3.62
N ASP A 418 5.92 -8.58 2.50
CA ASP A 418 5.91 -9.84 1.75
C ASP A 418 6.90 -9.78 0.59
N TYR A 419 7.28 -8.57 0.20
CA TYR A 419 8.23 -8.36 -0.89
C TYR A 419 9.13 -7.18 -0.59
N ILE A 420 10.44 -7.41 -0.62
CA ILE A 420 11.40 -6.39 -0.22
C ILE A 420 12.51 -6.20 -1.25
N LEU A 421 13.16 -5.05 -1.20
CA LEU A 421 14.31 -4.77 -2.05
C LEU A 421 15.59 -5.21 -1.35
N GLU A 422 16.45 -5.91 -2.08
CA GLU A 422 17.69 -6.44 -1.53
C GLU A 422 18.80 -6.37 -2.58
N SER A 423 20.04 -6.21 -2.13
CA SER A 423 21.16 -6.03 -3.06
C SER A 423 22.28 -7.04 -2.82
N GLY A 424 23.05 -7.31 -3.87
CA GLY A 424 24.21 -8.20 -3.76
C GLY A 424 24.27 -9.23 -4.88
N THR A 425 25.38 -9.95 -4.94
CA THR A 425 25.53 -11.01 -5.94
C THR A 425 24.55 -12.16 -5.65
N SER A 426 24.02 -12.19 -4.43
CA SER A 426 23.02 -13.18 -4.06
C SER A 426 21.80 -13.08 -4.96
N MET A 427 21.47 -11.85 -5.34
CA MET A 427 20.32 -11.60 -6.21
C MET A 427 20.65 -11.87 -7.67
N ALA A 428 21.93 -11.79 -8.01
CA ALA A 428 22.35 -11.99 -9.39
C ALA A 428 22.36 -13.46 -9.79
N ALA A 429 23.03 -14.29 -8.98
CA ALA A 429 23.17 -15.71 -9.28
C ALA A 429 21.86 -16.37 -9.70
N PRO A 430 20.81 -16.22 -8.87
CA PRO A 430 19.51 -16.83 -9.17
C PRO A 430 18.97 -16.43 -10.54
N HIS A 431 19.28 -15.22 -10.99
CA HIS A 431 18.91 -14.81 -12.34
C HIS A 431 19.55 -15.75 -13.36
N ALA A 432 20.87 -15.91 -13.26
CA ALA A 432 21.60 -16.81 -14.14
C ALA A 432 21.08 -18.24 -14.06
N ALA A 433 20.99 -18.76 -12.83
CA ALA A 433 20.54 -20.13 -12.62
C ALA A 433 19.21 -20.40 -13.34
N GLY A 434 18.30 -19.45 -13.25
CA GLY A 434 17.00 -19.57 -13.90
C GLY A 434 17.14 -19.64 -15.41
N ILE A 435 17.93 -18.72 -15.96
CA ILE A 435 18.18 -18.68 -17.40
C ILE A 435 18.89 -19.95 -17.86
N ALA A 436 19.89 -20.37 -17.09
CA ALA A 436 20.61 -21.59 -17.40
C ALA A 436 19.65 -22.76 -17.50
N ALA A 437 18.62 -22.75 -16.65
CA ALA A 437 17.63 -23.82 -16.61
C ALA A 437 16.77 -23.83 -17.88
N MET A 438 16.36 -22.66 -18.33
CA MET A 438 15.50 -22.55 -19.50
C MET A 438 16.26 -22.95 -20.77
N LEU A 439 17.54 -22.58 -20.83
CA LEU A 439 18.39 -23.02 -21.92
C LEU A 439 18.45 -24.55 -21.95
N LYS A 440 18.50 -25.14 -20.76
CA LYS A 440 18.58 -26.58 -20.63
C LYS A 440 17.27 -27.24 -21.05
N ALA A 441 16.17 -26.51 -20.91
CA ALA A 441 14.86 -27.01 -21.31
C ALA A 441 14.69 -26.91 -22.82
N ALA A 442 15.28 -25.87 -23.41
CA ALA A 442 15.23 -25.68 -24.85
C ALA A 442 16.18 -26.65 -25.54
N HIS A 443 17.31 -26.91 -24.90
CA HIS A 443 18.30 -27.85 -25.43
C HIS A 443 18.64 -28.89 -24.36
N PRO A 444 17.78 -29.91 -24.21
CA PRO A 444 17.91 -30.94 -23.18
C PRO A 444 19.23 -31.69 -23.23
N GLU A 445 19.89 -31.68 -24.39
CA GLU A 445 21.11 -32.45 -24.58
C GLU A 445 22.38 -31.66 -24.27
N TRP A 446 22.24 -30.33 -24.19
CA TRP A 446 23.38 -29.47 -23.91
C TRP A 446 24.00 -29.78 -22.56
N SER A 447 25.32 -29.74 -22.48
CA SER A 447 26.02 -29.97 -21.23
C SER A 447 26.11 -28.68 -20.42
N PRO A 448 26.46 -28.80 -19.13
CA PRO A 448 26.64 -27.64 -18.26
C PRO A 448 27.67 -26.66 -18.83
N SER A 449 28.70 -27.19 -19.48
CA SER A 449 29.75 -26.35 -20.06
C SER A 449 29.25 -25.64 -21.31
N ALA A 450 28.44 -26.32 -22.10
CA ALA A 450 27.88 -25.73 -23.31
C ALA A 450 26.88 -24.64 -22.95
N ILE A 451 26.03 -24.92 -21.97
CA ILE A 451 25.02 -23.95 -21.56
C ILE A 451 25.64 -22.69 -21.01
N ARG A 452 26.73 -22.84 -20.26
CA ARG A 452 27.47 -21.68 -19.78
C ARG A 452 28.09 -20.96 -20.96
N SER A 453 28.37 -21.71 -22.02
CA SER A 453 28.98 -21.15 -23.22
C SER A 453 27.98 -20.25 -23.95
N ALA A 454 26.78 -20.77 -24.16
CA ALA A 454 25.73 -20.01 -24.82
C ALA A 454 25.47 -18.68 -24.13
N MET A 455 25.55 -18.68 -22.80
CA MET A 455 25.28 -17.48 -22.02
C MET A 455 26.42 -16.48 -22.08
N MET A 456 27.65 -16.97 -22.18
CA MET A 456 28.82 -16.10 -22.19
C MET A 456 29.09 -15.47 -23.56
N THR A 457 29.24 -16.31 -24.58
CA THR A 457 29.57 -15.83 -25.93
C THR A 457 28.43 -15.02 -26.53
N THR A 458 27.29 -15.02 -25.85
CA THR A 458 26.11 -14.30 -26.35
C THR A 458 25.83 -13.08 -25.48
N ALA A 459 26.62 -12.92 -24.42
CA ALA A 459 26.45 -11.82 -23.48
C ALA A 459 26.72 -10.48 -24.16
N ASP A 460 26.26 -9.41 -23.55
CA ASP A 460 26.43 -8.07 -24.10
C ASP A 460 27.35 -7.23 -23.20
N PRO A 461 28.46 -6.76 -23.77
CA PRO A 461 29.41 -5.93 -23.03
C PRO A 461 29.08 -4.45 -23.14
N LEU A 462 27.97 -4.12 -23.80
CA LEU A 462 27.54 -2.74 -23.95
C LEU A 462 26.29 -2.46 -23.14
N ASP A 463 26.15 -1.23 -22.66
CA ASP A 463 24.99 -0.82 -21.88
C ASP A 463 23.89 -0.28 -22.79
N ASN A 464 22.85 0.31 -22.19
CA ASN A 464 21.72 0.82 -22.97
C ASN A 464 22.04 2.07 -23.77
N THR A 465 23.23 2.63 -23.56
CA THR A 465 23.70 3.75 -24.37
C THR A 465 24.57 3.22 -25.51
N ARG A 466 24.68 1.89 -25.58
CA ARG A 466 25.48 1.24 -26.62
C ARG A 466 26.97 1.45 -26.41
N LYS A 467 27.35 1.97 -25.23
CA LYS A 467 28.76 2.11 -24.88
C LYS A 467 29.20 0.96 -23.97
N PRO A 468 30.50 0.91 -23.64
CA PRO A 468 31.04 -0.18 -22.84
C PRO A 468 30.58 -0.09 -21.39
N ILE A 469 30.05 -1.19 -20.86
CA ILE A 469 29.55 -1.21 -19.49
C ILE A 469 30.59 -0.66 -18.51
N LYS A 470 30.14 0.25 -17.64
CA LYS A 470 31.04 0.94 -16.72
C LYS A 470 31.15 0.25 -15.37
N ASP A 471 32.24 0.52 -14.67
CA ASP A 471 32.42 0.04 -13.30
C ASP A 471 32.02 1.13 -12.32
N SER A 472 30.92 0.90 -11.61
CA SER A 472 30.40 1.88 -10.67
C SER A 472 31.49 2.52 -9.82
N ASP A 473 32.46 1.72 -9.41
CA ASP A 473 33.50 2.19 -8.49
C ASP A 473 34.40 3.28 -9.07
N ASN A 474 34.57 3.29 -10.39
CA ASN A 474 35.48 4.25 -11.02
C ASN A 474 34.89 4.97 -12.22
N ASN A 475 33.85 4.38 -12.80
CA ASN A 475 33.19 4.98 -13.96
C ASN A 475 33.93 4.71 -15.26
N LYS A 476 35.00 3.93 -15.18
CA LYS A 476 35.72 3.50 -16.37
C LYS A 476 35.06 2.24 -16.92
N ALA A 477 35.57 1.74 -18.04
CA ALA A 477 35.03 0.53 -18.64
C ALA A 477 35.28 -0.69 -17.76
N ALA A 478 34.23 -1.47 -17.53
CA ALA A 478 34.35 -2.68 -16.72
C ALA A 478 35.17 -3.73 -17.45
N THR A 479 35.98 -4.46 -16.69
CA THR A 479 36.80 -5.52 -17.25
C THR A 479 36.13 -6.89 -17.13
N PRO A 480 36.68 -7.89 -17.80
CA PRO A 480 36.19 -9.26 -17.65
C PRO A 480 36.31 -9.70 -16.19
N LEU A 481 37.33 -9.20 -15.50
CA LEU A 481 37.53 -9.49 -14.09
C LEU A 481 36.49 -8.75 -13.24
N ASP A 482 35.60 -8.04 -13.93
CA ASP A 482 34.55 -7.28 -13.25
C ASP A 482 33.17 -7.84 -13.60
N MET A 483 32.99 -8.20 -14.87
CA MET A 483 31.67 -8.58 -15.37
C MET A 483 31.73 -9.80 -16.27
N GLY A 484 32.88 -10.46 -16.33
CA GLY A 484 33.06 -11.59 -17.23
C GLY A 484 32.80 -11.21 -18.67
N ALA A 485 32.03 -12.02 -19.37
CA ALA A 485 31.71 -11.76 -20.77
C ALA A 485 30.79 -10.55 -20.94
N GLY A 486 30.05 -10.22 -19.89
CA GLY A 486 29.16 -9.08 -19.92
C GLY A 486 27.81 -9.35 -19.28
N HIS A 487 26.80 -8.61 -19.72
CA HIS A 487 25.44 -8.75 -19.17
C HIS A 487 24.69 -9.87 -19.87
N VAL A 488 24.01 -10.70 -19.10
CA VAL A 488 23.24 -11.81 -19.64
C VAL A 488 22.25 -11.34 -20.70
N ASP A 489 22.09 -12.14 -21.74
CA ASP A 489 21.13 -11.84 -22.81
C ASP A 489 20.42 -13.12 -23.22
N PRO A 490 19.43 -13.54 -22.42
CA PRO A 490 18.73 -14.81 -22.54
C PRO A 490 18.33 -15.17 -23.98
N ASN A 491 17.53 -14.33 -24.61
CA ASN A 491 16.99 -14.63 -25.94
C ASN A 491 18.05 -15.00 -26.97
N ARG A 492 19.22 -14.36 -26.89
CA ARG A 492 20.32 -14.69 -27.80
C ARG A 492 20.96 -16.02 -27.42
N ALA A 493 21.19 -16.21 -26.13
CA ALA A 493 21.80 -17.43 -25.62
C ALA A 493 21.05 -18.68 -26.09
N LEU A 494 19.78 -18.49 -26.46
CA LEU A 494 18.97 -19.59 -26.95
C LEU A 494 19.49 -20.12 -28.29
N ASP A 495 20.26 -19.29 -28.98
CA ASP A 495 20.70 -19.60 -30.33
C ASP A 495 22.08 -19.02 -30.59
N PRO A 496 23.11 -19.61 -29.96
CA PRO A 496 24.47 -19.08 -29.96
C PRO A 496 25.25 -19.40 -31.23
N GLY A 497 24.76 -20.33 -32.02
CA GLY A 497 25.44 -20.73 -33.25
C GLY A 497 26.60 -21.69 -33.00
N LEU A 498 27.50 -21.29 -32.12
CA LEU A 498 28.64 -22.13 -31.74
C LEU A 498 28.74 -22.23 -30.22
N VAL A 499 29.39 -23.29 -29.75
CA VAL A 499 29.59 -23.47 -28.31
C VAL A 499 30.94 -24.10 -27.99
N TYR A 500 31.57 -23.62 -26.92
CA TYR A 500 32.78 -24.23 -26.40
C TYR A 500 32.38 -25.31 -25.40
N ASP A 501 32.25 -26.54 -25.90
CA ASP A 501 31.75 -27.64 -25.07
C ASP A 501 32.86 -28.30 -24.26
N ALA A 502 32.47 -29.12 -23.30
CA ALA A 502 33.41 -29.82 -22.44
C ALA A 502 32.74 -31.04 -21.80
N THR A 503 33.56 -31.95 -21.28
CA THR A 503 33.04 -33.17 -20.68
C THR A 503 33.62 -33.36 -19.28
N PRO A 504 32.98 -34.23 -18.48
CA PRO A 504 33.47 -34.54 -17.15
C PRO A 504 34.96 -34.88 -17.17
N GLN A 505 35.36 -35.74 -18.11
CA GLN A 505 36.75 -36.15 -18.23
C GLN A 505 37.67 -34.95 -18.42
N ASP A 506 37.17 -33.92 -19.08
CA ASP A 506 37.94 -32.71 -19.31
C ASP A 506 38.28 -32.01 -18.00
N TYR A 507 37.35 -32.05 -17.06
CA TYR A 507 37.57 -31.42 -15.75
C TYR A 507 38.47 -32.27 -14.87
N VAL A 508 38.42 -33.58 -15.06
CA VAL A 508 39.34 -34.48 -14.37
C VAL A 508 40.78 -34.16 -14.80
N ASN A 509 41.00 -34.13 -16.11
CA ASN A 509 42.30 -33.79 -16.66
C ASN A 509 42.80 -32.43 -16.17
N LEU A 510 41.88 -31.50 -16.01
CA LEU A 510 42.22 -30.17 -15.50
C LEU A 510 42.56 -30.24 -14.02
N LEU A 511 41.77 -31.03 -13.28
CA LEU A 511 42.01 -31.22 -11.86
C LEU A 511 43.43 -31.75 -11.61
N CYS A 512 43.81 -32.79 -12.36
CA CYS A 512 45.13 -33.38 -12.23
C CYS A 512 46.26 -32.38 -12.47
N SER A 513 46.08 -31.49 -13.44
CA SER A 513 47.12 -30.52 -13.77
C SER A 513 47.47 -29.63 -12.58
N LEU A 514 46.54 -29.52 -11.63
CA LEU A 514 46.76 -28.69 -10.45
C LEU A 514 47.88 -29.22 -9.58
N ASN A 515 48.24 -30.49 -9.79
CA ASN A 515 49.33 -31.11 -9.06
C ASN A 515 49.18 -31.04 -7.54
N PHE A 516 48.02 -31.47 -7.04
CA PHE A 516 47.84 -31.63 -5.60
C PHE A 516 48.35 -33.02 -5.22
N THR A 517 48.40 -33.29 -3.92
CA THR A 517 48.66 -34.65 -3.46
C THR A 517 47.42 -35.48 -3.78
N GLU A 518 47.59 -36.81 -3.87
CA GLU A 518 46.47 -37.67 -4.26
C GLU A 518 45.35 -37.71 -3.22
N GLU A 519 45.67 -37.37 -1.98
CA GLU A 519 44.64 -37.29 -0.94
C GLU A 519 43.83 -36.01 -1.14
N GLN A 520 44.53 -34.91 -1.35
CA GLN A 520 43.89 -33.65 -1.68
C GLN A 520 43.02 -33.83 -2.91
N PHE A 521 43.60 -34.44 -3.95
CA PHE A 521 42.88 -34.72 -5.18
C PHE A 521 41.55 -35.42 -4.87
N LYS A 522 41.62 -36.50 -4.11
CA LYS A 522 40.44 -37.28 -3.77
C LYS A 522 39.46 -36.48 -2.92
N THR A 523 39.99 -35.56 -2.11
CA THR A 523 39.15 -34.68 -1.31
C THR A 523 38.19 -33.92 -2.20
N ILE A 524 38.66 -33.54 -3.39
CA ILE A 524 37.86 -32.75 -4.31
C ILE A 524 37.02 -33.61 -5.26
N ALA A 525 37.64 -34.63 -5.84
CA ALA A 525 36.95 -35.48 -6.82
C ALA A 525 36.17 -36.60 -6.14
N ARG A 526 36.24 -36.67 -4.81
CA ARG A 526 35.72 -37.83 -4.08
C ARG A 526 35.67 -39.09 -4.95
N SER A 527 34.48 -39.44 -5.43
CA SER A 527 34.29 -40.68 -6.16
C SER A 527 33.72 -40.49 -7.55
N SER A 528 33.90 -39.29 -8.11
CA SER A 528 33.48 -39.03 -9.48
C SER A 528 34.58 -39.39 -10.45
N ALA A 529 35.79 -39.54 -9.92
CA ALA A 529 36.96 -39.93 -10.71
C ALA A 529 38.04 -40.51 -9.81
N SER A 530 39.04 -41.14 -10.41
CA SER A 530 40.13 -41.75 -9.64
C SER A 530 41.50 -41.24 -10.07
N HIS A 531 42.38 -41.04 -9.10
CA HIS A 531 43.72 -40.54 -9.35
C HIS A 531 44.42 -41.35 -10.43
N CYS A 533 43.60 -41.01 -14.33
CA CYS A 533 43.94 -39.62 -14.57
C CYS A 533 45.40 -39.51 -15.03
N SER A 534 45.66 -39.96 -16.25
CA SER A 534 47.02 -40.04 -16.77
C SER A 534 47.27 -39.06 -17.93
N ASN A 535 46.29 -38.19 -18.19
CA ASN A 535 46.41 -37.23 -19.28
C ASN A 535 46.16 -35.80 -18.83
N PRO A 536 47.04 -35.28 -17.96
CA PRO A 536 46.90 -33.91 -17.45
C PRO A 536 46.66 -32.92 -18.59
N SER A 537 45.98 -31.82 -18.28
CA SER A 537 45.68 -30.80 -19.28
C SER A 537 45.15 -29.61 -18.50
N ALA A 538 45.80 -28.47 -18.64
CA ALA A 538 45.42 -27.26 -17.92
C ALA A 538 44.66 -26.38 -18.89
N ASP A 539 44.79 -26.67 -20.19
CA ASP A 539 44.15 -25.87 -21.22
C ASP A 539 42.69 -26.29 -21.42
N LEU A 540 41.86 -26.01 -20.41
CA LEU A 540 40.44 -26.35 -20.45
C LEU A 540 39.72 -25.54 -21.53
N ASN A 541 38.88 -26.22 -22.31
CA ASN A 541 38.13 -25.57 -23.38
C ASN A 541 37.11 -24.57 -22.84
N TYR A 542 37.57 -23.37 -22.51
CA TYR A 542 36.72 -22.36 -21.90
C TYR A 542 36.35 -21.26 -22.91
N PRO A 543 35.19 -20.62 -22.70
CA PRO A 543 34.71 -19.56 -23.58
C PRO A 543 35.29 -18.18 -23.24
N SER A 544 36.48 -18.16 -22.66
CA SER A 544 37.17 -16.91 -22.37
C SER A 544 38.66 -17.14 -22.17
N PHE A 545 39.45 -16.07 -22.24
CA PHE A 545 40.89 -16.18 -22.15
C PHE A 545 41.48 -15.21 -21.12
N ILE A 546 42.48 -15.67 -20.40
CA ILE A 546 43.24 -14.82 -19.49
C ILE A 546 44.73 -15.04 -19.67
N ALA A 547 45.49 -13.96 -19.74
CA ALA A 547 46.93 -14.04 -19.91
C ALA A 547 47.65 -13.49 -18.68
N LEU A 548 48.25 -14.39 -17.90
CA LEU A 548 48.87 -14.00 -16.64
C LEU A 548 50.36 -13.71 -16.78
N TYR A 549 50.86 -12.81 -15.95
CA TYR A 549 52.26 -12.41 -15.99
C TYR A 549 52.80 -12.11 -14.60
N SER A 550 53.82 -12.86 -14.19
CA SER A 550 54.47 -12.63 -12.90
C SER A 550 54.81 -11.16 -12.68
N ILE A 551 54.74 -10.72 -11.43
CA ILE A 551 55.09 -9.34 -11.09
C ILE A 551 56.30 -9.32 -10.16
N GLU A 552 57.05 -10.42 -10.14
CA GLU A 552 58.27 -10.50 -9.35
C GLU A 552 59.50 -10.28 -10.22
N GLY A 553 60.08 -9.09 -10.12
CA GLY A 553 61.30 -8.77 -10.86
C GLY A 553 61.06 -8.02 -12.15
N ASN A 554 61.80 -8.38 -13.19
CA ASN A 554 61.75 -7.69 -14.47
C ASN A 554 60.66 -8.22 -15.39
N PHE A 555 59.98 -7.30 -16.08
CA PHE A 555 58.94 -7.67 -17.03
C PHE A 555 59.53 -7.82 -18.43
N THR A 556 59.10 -8.85 -19.14
CA THR A 556 59.63 -9.12 -20.46
C THR A 556 58.60 -9.74 -21.39
N LEU A 557 58.45 -9.16 -22.58
CA LEU A 557 57.52 -9.67 -23.58
C LEU A 557 57.26 -11.16 -23.40
N LEU A 558 56.03 -11.51 -23.03
CA LEU A 558 55.66 -12.91 -22.85
C LEU A 558 54.82 -13.40 -24.03
N GLU A 559 54.65 -14.72 -24.11
CA GLU A 559 53.83 -15.31 -25.17
C GLU A 559 53.03 -16.51 -24.67
N GLN A 560 51.75 -16.54 -25.03
CA GLN A 560 50.85 -17.60 -24.61
C GLN A 560 50.01 -18.10 -25.77
N LYS A 561 49.75 -19.39 -25.80
CA LYS A 561 48.91 -19.98 -26.85
C LYS A 561 47.77 -20.78 -26.24
N PHE A 562 46.55 -20.51 -26.68
CA PHE A 562 45.38 -21.21 -26.16
C PHE A 562 44.66 -21.98 -27.26
N LYS A 563 44.43 -23.26 -27.01
CA LYS A 563 43.76 -24.13 -27.99
C LYS A 563 42.28 -24.28 -27.65
N ARG A 564 41.42 -23.98 -28.62
CA ARG A 564 39.99 -24.08 -28.41
C ARG A 564 39.32 -24.94 -29.47
N THR A 565 38.24 -25.61 -29.08
CA THR A 565 37.42 -26.38 -30.01
C THR A 565 35.99 -25.87 -29.95
N VAL A 566 35.43 -25.58 -31.11
CA VAL A 566 34.06 -25.06 -31.17
C VAL A 566 33.18 -26.00 -31.99
N THR A 567 32.08 -26.42 -31.38
CA THR A 567 31.12 -27.29 -32.04
C THR A 567 29.93 -26.50 -32.56
N ASN A 568 29.55 -26.74 -33.81
CA ASN A 568 28.47 -26.00 -34.45
C ASN A 568 27.09 -26.46 -34.00
N VAL A 569 26.36 -25.56 -33.35
CA VAL A 569 25.01 -25.87 -32.88
C VAL A 569 23.96 -25.19 -33.77
N GLY A 570 24.42 -24.59 -34.86
CA GLY A 570 23.53 -23.95 -35.81
C GLY A 570 22.60 -24.93 -36.48
N ALA A 573 25.32 -25.84 -41.43
CA ALA A 573 26.26 -25.43 -42.46
C ALA A 573 26.47 -23.92 -42.44
N ALA A 574 27.71 -23.50 -42.25
CA ALA A 574 28.05 -22.09 -42.17
C ALA A 574 29.54 -21.89 -41.95
N THR A 575 30.02 -20.67 -42.19
CA THR A 575 31.43 -20.36 -41.98
C THR A 575 31.59 -19.05 -41.22
N TYR A 576 32.51 -19.04 -40.26
CA TYR A 576 32.73 -17.87 -39.43
C TYR A 576 34.10 -17.27 -39.68
N LYS A 577 34.19 -15.94 -39.59
CA LYS A 577 35.46 -15.24 -39.70
C LYS A 577 35.80 -14.59 -38.36
N ALA A 578 37.05 -14.73 -37.94
CA ALA A 578 37.48 -14.22 -36.64
C ALA A 578 37.79 -12.73 -36.68
N LYS A 579 37.09 -11.96 -35.85
CA LYS A 579 37.41 -10.55 -35.65
C LYS A 579 38.18 -10.39 -34.35
N LEU A 580 39.26 -9.63 -34.39
CA LEU A 580 40.14 -9.51 -33.23
C LEU A 580 40.32 -8.08 -32.74
N LYS A 581 40.15 -7.90 -31.43
CA LYS A 581 40.50 -6.66 -30.76
C LYS A 581 41.49 -6.97 -29.65
N ALA A 582 42.76 -6.66 -29.89
CA ALA A 582 43.83 -7.03 -28.96
C ALA A 582 43.91 -6.09 -27.77
N PRO A 583 44.08 -6.66 -26.57
CA PRO A 583 44.26 -5.88 -25.36
C PRO A 583 45.37 -4.84 -25.55
N LYS A 584 45.19 -3.67 -24.97
CA LYS A 584 46.17 -2.61 -25.07
C LYS A 584 47.57 -3.12 -24.75
N ASN A 585 48.57 -2.60 -25.46
CA ASN A 585 49.95 -3.03 -25.27
C ASN A 585 50.13 -4.53 -25.36
N SER A 586 49.73 -5.10 -26.50
CA SER A 586 49.86 -6.52 -26.74
C SER A 586 49.25 -6.87 -28.09
N THR A 587 49.68 -7.99 -28.66
CA THR A 587 49.15 -8.44 -29.94
C THR A 587 48.55 -9.84 -29.81
N ILE A 588 47.57 -10.13 -30.68
CA ILE A 588 46.93 -11.43 -30.68
C ILE A 588 46.68 -11.89 -32.10
N SER A 589 46.69 -13.20 -32.31
CA SER A 589 46.43 -13.78 -33.63
C SER A 589 45.79 -15.14 -33.48
N VAL A 590 44.89 -15.46 -34.40
CA VAL A 590 44.18 -16.74 -34.37
C VAL A 590 44.54 -17.57 -35.60
N SER A 591 44.18 -18.84 -35.58
CA SER A 591 44.50 -19.74 -36.68
C SER A 591 43.81 -21.09 -36.49
N PRO A 592 43.02 -21.51 -37.48
CA PRO A 592 42.79 -20.72 -38.68
C PRO A 592 42.23 -19.34 -38.35
N GLN A 593 41.98 -18.54 -39.38
CA GLN A 593 41.33 -17.25 -39.22
C GLN A 593 39.90 -17.36 -39.71
N ILE A 594 39.60 -18.49 -40.34
CA ILE A 594 38.25 -18.80 -40.81
C ILE A 594 37.91 -20.22 -40.39
N LEU A 595 36.62 -20.49 -40.25
CA LEU A 595 36.16 -21.82 -39.84
C LEU A 595 34.96 -22.25 -40.68
N VAL A 596 35.15 -23.27 -41.51
CA VAL A 596 34.09 -23.78 -42.36
C VAL A 596 33.38 -24.95 -41.71
N PHE A 597 32.06 -24.97 -41.79
CA PHE A 597 31.26 -26.03 -41.19
C PHE A 597 30.33 -26.68 -42.21
N LYS A 598 30.34 -28.00 -42.25
CA LYS A 598 29.54 -28.76 -43.21
C LYS A 598 28.11 -28.99 -42.70
N ASN A 599 27.98 -29.21 -41.40
CA ASN A 599 26.66 -29.46 -40.81
C ASN A 599 26.70 -29.59 -39.29
N ASN A 601 26.59 -30.31 -35.86
CA ASN A 601 27.29 -30.85 -34.70
C ASN A 601 28.78 -31.03 -34.96
N GLU A 602 29.20 -30.68 -36.17
CA GLU A 602 30.61 -30.76 -36.54
C GLU A 602 31.47 -29.94 -35.60
N LYS A 603 32.62 -30.49 -35.21
CA LYS A 603 33.55 -29.79 -34.35
C LYS A 603 34.74 -29.28 -35.15
N GLN A 604 35.32 -28.17 -34.71
CA GLN A 604 36.45 -27.58 -35.38
C GLN A 604 37.26 -26.74 -34.40
N SER A 605 38.58 -26.86 -34.47
CA SER A 605 39.45 -26.23 -33.47
C SER A 605 40.21 -25.04 -34.04
N TYR A 606 40.87 -24.30 -33.15
CA TYR A 606 41.71 -23.19 -33.55
C TYR A 606 42.63 -22.82 -32.39
N THR A 607 43.62 -21.97 -32.67
CA THR A 607 44.57 -21.57 -31.64
C THR A 607 44.74 -20.06 -31.58
N LEU A 608 44.60 -19.51 -30.38
CA LEU A 608 44.81 -18.09 -30.16
C LEU A 608 46.16 -17.88 -29.50
N THR A 609 46.87 -16.85 -29.93
CA THR A 609 48.19 -16.55 -29.37
C THR A 609 48.32 -15.07 -29.01
N ILE A 610 48.86 -14.81 -27.83
CA ILE A 610 49.00 -13.44 -27.35
C ILE A 610 50.46 -13.10 -27.03
N ARG A 611 50.90 -11.95 -27.48
CA ARG A 611 52.22 -11.44 -27.13
C ARG A 611 52.02 -10.18 -26.30
N TYR A 612 52.33 -10.25 -25.01
CA TYR A 612 52.07 -9.14 -24.10
C TYR A 612 53.20 -8.96 -23.09
N ILE A 613 53.12 -7.87 -22.33
CA ILE A 613 54.10 -7.60 -21.28
C ILE A 613 53.40 -6.97 -20.08
N GLY A 614 53.90 -7.26 -18.88
CA GLY A 614 53.28 -6.77 -17.66
C GLY A 614 53.90 -5.51 -17.12
N ASP A 615 53.17 -4.82 -16.25
CA ASP A 615 53.65 -3.59 -15.62
C ASP A 615 53.38 -3.60 -14.12
N SER A 619 47.99 -3.88 -13.62
CA SER A 619 47.41 -3.44 -14.89
C SER A 619 46.75 -4.60 -15.63
N ARG A 620 45.44 -4.48 -15.85
CA ARG A 620 44.70 -5.51 -16.56
C ARG A 620 44.04 -4.97 -17.82
N ASN A 621 44.59 -5.32 -18.97
CA ASN A 621 44.07 -4.87 -20.25
C ASN A 621 43.12 -5.89 -20.87
N VAL A 622 42.16 -5.40 -21.64
CA VAL A 622 41.13 -6.27 -22.20
C VAL A 622 41.02 -6.19 -23.73
N GLY A 623 40.66 -7.32 -24.33
CA GLY A 623 40.40 -7.41 -25.76
C GLY A 623 39.37 -8.50 -25.97
N SER A 624 39.25 -8.98 -27.20
CA SER A 624 38.29 -10.03 -27.48
C SER A 624 38.52 -10.71 -28.84
N ILE A 625 37.78 -11.78 -29.07
CA ILE A 625 37.80 -12.48 -30.35
C ILE A 625 36.39 -12.94 -30.67
N THR A 626 35.86 -12.45 -31.79
CA THR A 626 34.49 -12.77 -32.16
C THR A 626 34.44 -13.53 -33.49
N TRP A 627 33.74 -14.66 -33.50
CA TRP A 627 33.53 -15.40 -34.73
C TRP A 627 32.19 -15.05 -35.36
N VAL A 628 32.23 -14.15 -36.34
CA VAL A 628 31.02 -13.69 -37.02
C VAL A 628 30.68 -14.52 -38.25
N GLU A 629 29.44 -14.99 -38.32
CA GLU A 629 28.98 -15.79 -39.44
C GLU A 629 28.84 -14.93 -40.69
N GLN A 630 29.32 -15.44 -41.82
CA GLN A 630 29.29 -14.69 -43.08
C GLN A 630 27.91 -14.70 -43.72
N ASN A 631 27.30 -15.88 -43.79
CA ASN A 631 25.96 -16.02 -44.35
C ASN A 631 24.91 -16.16 -43.26
N GLY A 632 25.12 -15.47 -42.15
CA GLY A 632 24.19 -15.50 -41.04
C GLY A 632 24.41 -14.34 -40.09
N ASN A 633 23.67 -14.34 -38.98
CA ASN A 633 23.75 -13.26 -38.02
C ASN A 633 24.22 -13.74 -36.65
N HIS A 634 24.97 -14.84 -36.64
CA HIS A 634 25.55 -15.36 -35.41
C HIS A 634 26.86 -14.66 -35.10
N SER A 635 27.10 -14.42 -33.81
CA SER A 635 28.33 -13.78 -33.35
C SER A 635 28.81 -14.41 -32.05
N VAL A 636 29.91 -15.16 -32.12
CA VAL A 636 30.44 -15.86 -30.95
C VAL A 636 31.62 -15.12 -30.36
N ARG A 637 31.37 -14.40 -29.27
CA ARG A 637 32.37 -13.53 -28.68
C ARG A 637 32.97 -14.11 -27.40
N SER A 638 34.27 -13.90 -27.21
CA SER A 638 34.98 -14.37 -26.02
C SER A 638 35.93 -13.29 -25.54
N PRO A 639 35.81 -12.90 -24.26
CA PRO A 639 36.67 -11.87 -23.70
C PRO A 639 38.11 -12.35 -23.53
N ILE A 640 39.06 -11.43 -23.64
CA ILE A 640 40.46 -11.72 -23.38
C ILE A 640 40.99 -10.68 -22.41
N VAL A 641 41.70 -11.12 -21.38
CA VAL A 641 42.21 -10.19 -20.37
C VAL A 641 43.59 -10.59 -19.87
N THR A 642 44.46 -9.59 -19.70
CA THR A 642 45.77 -9.80 -19.11
C THR A 642 45.69 -9.49 -17.62
N SER A 643 46.46 -10.21 -16.82
CA SER A 643 46.38 -10.06 -15.37
C SER A 643 47.70 -10.37 -14.67
N PRO A 644 48.02 -9.60 -13.62
CA PRO A 644 49.16 -9.90 -12.76
C PRO A 644 48.93 -11.24 -12.06
N ILE A 645 50.00 -11.86 -11.59
CA ILE A 645 49.89 -13.11 -10.85
C ILE A 645 49.92 -12.85 -9.35
N ILE A 646 48.74 -12.74 -8.75
CA ILE A 646 48.61 -12.40 -7.33
C ILE A 646 48.63 -13.64 -6.45
N GLU A 647 48.71 -13.43 -5.14
CA GLU A 647 48.75 -14.52 -4.18
C GLU A 647 47.49 -15.38 -4.24
N VAL A 648 47.67 -16.67 -4.48
CA VAL A 648 46.57 -17.62 -4.49
C VAL A 648 46.42 -18.24 -3.11
N TRP A 649 45.21 -18.69 -2.78
CA TRP A 649 44.99 -19.37 -1.51
C TRP A 649 45.55 -20.79 -1.59
N THR B 1 -16.51 3.57 2.41
CA THR B 1 -17.49 3.19 1.35
C THR B 1 -17.04 1.96 0.56
N THR B 2 -16.07 1.24 1.10
CA THR B 2 -15.68 -0.05 0.52
C THR B 2 -16.58 -1.14 1.07
N HIS B 3 -17.38 -0.79 2.07
CA HIS B 3 -18.28 -1.74 2.72
C HIS B 3 -19.68 -1.13 2.94
N THR B 4 -19.72 0.19 3.12
CA THR B 4 -20.96 0.90 3.44
C THR B 4 -22.18 0.44 2.65
N SER B 5 -22.07 0.36 1.33
CA SER B 5 -23.22 0.00 0.51
C SER B 5 -23.70 -1.43 0.79
N ASP B 6 -22.76 -2.32 1.11
CA ASP B 6 -23.12 -3.69 1.49
C ASP B 6 -23.84 -3.66 2.83
N PHE B 7 -23.34 -2.83 3.74
CA PHE B 7 -23.93 -2.67 5.06
C PHE B 7 -25.39 -2.22 4.94
N LEU B 8 -25.69 -1.49 3.88
CA LEU B 8 -27.05 -1.01 3.63
C LEU B 8 -27.86 -2.00 2.81
N LYS B 9 -27.20 -3.04 2.33
CA LYS B 9 -27.86 -4.13 1.61
C LYS B 9 -28.09 -3.81 0.14
N LEU B 10 -27.54 -2.69 -0.34
CA LEU B 10 -27.70 -2.31 -1.73
C LEU B 10 -26.95 -3.27 -2.64
N ASN B 11 -27.61 -3.68 -3.73
CA ASN B 11 -27.01 -4.63 -4.66
C ASN B 11 -27.66 -4.56 -6.05
N PRO B 12 -27.00 -5.13 -7.06
CA PRO B 12 -27.44 -5.12 -8.45
C PRO B 12 -28.62 -6.05 -8.72
N SER B 13 -28.83 -7.03 -7.85
CA SER B 13 -29.88 -8.02 -8.07
C SER B 13 -31.28 -7.46 -7.87
N SER B 14 -31.49 -6.78 -6.75
CA SER B 14 -32.80 -6.27 -6.41
C SER B 14 -32.71 -5.05 -5.50
N GLY B 15 -33.84 -4.40 -5.26
CA GLY B 15 -33.88 -3.25 -4.37
C GLY B 15 -33.69 -1.93 -5.09
N LEU B 16 -33.21 -0.94 -4.37
CA LEU B 16 -33.09 0.42 -4.88
C LEU B 16 -32.17 0.51 -6.09
N TRP B 17 -31.03 -0.18 -6.03
CA TRP B 17 -30.03 -0.08 -7.09
C TRP B 17 -30.58 -0.40 -8.49
N PRO B 18 -31.07 -1.63 -8.69
CA PRO B 18 -31.61 -2.00 -9.99
C PRO B 18 -32.79 -1.12 -10.39
N ALA B 19 -33.66 -0.81 -9.43
CA ALA B 19 -34.84 0.00 -9.69
C ALA B 19 -34.48 1.45 -10.01
N SER B 20 -33.28 1.87 -9.62
CA SER B 20 -32.86 3.24 -9.80
C SER B 20 -31.76 3.38 -10.85
N GLY B 21 -31.24 2.25 -11.31
CA GLY B 21 -30.12 2.26 -12.24
C GLY B 21 -28.90 2.89 -11.59
N LEU B 22 -28.76 2.67 -10.28
CA LEU B 22 -27.68 3.26 -9.51
C LEU B 22 -27.72 4.79 -9.62
N GLY B 23 -28.87 5.31 -10.02
CA GLY B 23 -29.10 6.76 -10.08
C GLY B 23 -28.47 7.44 -11.27
N GLN B 24 -28.32 6.72 -12.37
CA GLN B 24 -27.66 7.25 -13.57
C GLN B 24 -28.38 8.47 -14.14
N ASP B 25 -29.69 8.53 -13.96
CA ASP B 25 -30.49 9.60 -14.53
C ASP B 25 -30.85 10.67 -13.50
N VAL B 26 -30.17 10.65 -12.36
CA VAL B 26 -30.43 11.60 -11.29
C VAL B 26 -29.21 12.47 -10.97
N ILE B 27 -29.46 13.65 -10.43
CA ILE B 27 -28.39 14.60 -10.14
C ILE B 27 -28.41 15.11 -8.70
N VAL B 28 -27.30 14.93 -8.00
CA VAL B 28 -27.18 15.39 -6.63
C VAL B 28 -26.12 16.47 -6.50
N ALA B 29 -26.50 17.62 -5.96
CA ALA B 29 -25.58 18.73 -5.77
C ALA B 29 -24.90 18.64 -4.40
N VAL B 30 -23.62 18.97 -4.36
CA VAL B 30 -22.86 18.94 -3.13
C VAL B 30 -22.28 20.32 -2.81
N LEU B 31 -22.77 20.93 -1.74
CA LEU B 31 -22.29 22.24 -1.32
C LEU B 31 -21.24 22.09 -0.22
N ASP B 32 -19.98 22.33 -0.56
CA ASP B 32 -18.90 22.16 0.39
C ASP B 32 -17.67 22.93 -0.12
N SER B 33 -16.49 22.53 0.33
CA SER B 33 -15.26 23.22 -0.04
C SER B 33 -14.70 22.92 -1.43
N GLY B 34 -15.54 22.38 -2.30
CA GLY B 34 -15.12 22.05 -3.66
C GLY B 34 -14.85 20.58 -3.83
N ILE B 35 -14.04 20.24 -4.84
CA ILE B 35 -13.76 18.85 -5.15
C ILE B 35 -12.39 18.70 -5.81
N TRP B 36 -11.82 17.50 -5.74
CA TRP B 36 -10.60 17.17 -6.47
C TRP B 36 -10.97 16.27 -7.63
N PRO B 37 -11.10 16.85 -8.83
CA PRO B 37 -11.67 16.22 -10.02
C PRO B 37 -10.93 14.98 -10.52
N GLU B 38 -9.61 15.00 -10.47
CA GLU B 38 -8.82 13.88 -11.03
C GLU B 38 -8.93 12.59 -10.22
N SER B 39 -9.61 12.63 -9.07
CA SER B 39 -9.78 11.44 -8.26
C SER B 39 -10.46 10.33 -9.05
N ALA B 40 -10.16 9.08 -8.70
CA ALA B 40 -10.74 7.93 -9.37
C ALA B 40 -12.24 7.82 -9.10
N SER B 41 -12.67 8.35 -7.96
CA SER B 41 -14.07 8.28 -7.56
C SER B 41 -14.95 9.12 -8.47
N PHE B 42 -14.33 9.98 -9.27
CA PHE B 42 -15.07 10.92 -10.08
C PHE B 42 -14.88 10.71 -11.59
N GLN B 43 -14.29 9.59 -11.97
CA GLN B 43 -14.18 9.22 -13.38
C GLN B 43 -15.50 8.59 -13.83
N ASP B 44 -15.68 8.46 -15.14
CA ASP B 44 -16.98 8.06 -15.68
C ASP B 44 -16.93 6.82 -16.59
N ASP B 45 -16.39 5.72 -16.08
CA ASP B 45 -16.27 4.51 -16.88
C ASP B 45 -17.62 3.98 -17.38
N GLY B 46 -18.44 3.45 -16.48
CA GLY B 46 -19.70 2.85 -16.88
C GLY B 46 -20.86 3.84 -16.92
N MET B 47 -20.57 5.08 -17.28
CA MET B 47 -21.57 6.14 -17.26
C MET B 47 -22.17 6.41 -18.64
N PRO B 48 -23.51 6.35 -18.74
CA PRO B 48 -24.22 6.72 -19.96
C PRO B 48 -24.12 8.23 -20.22
N GLU B 49 -24.81 8.69 -21.26
CA GLU B 49 -24.74 10.10 -21.64
C GLU B 49 -25.42 11.02 -20.63
N ILE B 50 -24.93 12.25 -20.54
CA ILE B 50 -25.49 13.23 -19.63
C ILE B 50 -26.91 13.61 -20.03
N PRO B 51 -27.86 13.48 -19.08
CA PRO B 51 -29.26 13.83 -19.33
C PRO B 51 -29.38 15.20 -19.98
N LYS B 52 -30.04 15.26 -21.13
CA LYS B 52 -30.18 16.50 -21.88
C LYS B 52 -30.77 17.62 -21.03
N ARG B 53 -31.58 17.25 -20.05
CA ARG B 53 -32.18 18.23 -19.14
C ARG B 53 -31.15 19.15 -18.50
N TRP B 54 -29.93 18.64 -18.33
CA TRP B 54 -28.88 19.38 -17.62
C TRP B 54 -28.19 20.42 -18.48
N LYS B 55 -27.89 21.57 -17.88
CA LYS B 55 -27.23 22.66 -18.58
C LYS B 55 -26.28 23.43 -17.67
N GLY B 56 -25.89 22.80 -16.56
CA GLY B 56 -24.96 23.39 -15.63
C GLY B 56 -23.60 23.64 -16.26
N ILE B 57 -22.88 24.63 -15.76
CA ILE B 57 -21.59 25.00 -16.32
C ILE B 57 -20.42 24.36 -15.59
N CYS B 58 -19.28 24.27 -16.28
CA CYS B 58 -18.04 23.83 -15.66
C CYS B 58 -17.13 25.05 -15.55
N LYS B 59 -17.45 25.92 -14.60
CA LYS B 59 -16.81 27.23 -14.50
C LYS B 59 -15.30 27.16 -14.29
N PRO B 60 -14.55 27.81 -15.19
CA PRO B 60 -13.09 27.87 -15.12
C PRO B 60 -12.62 28.63 -13.88
N GLY B 61 -11.35 28.44 -13.52
CA GLY B 61 -10.76 29.09 -12.36
C GLY B 61 -9.34 28.61 -12.17
N THR B 62 -8.73 28.96 -11.04
CA THR B 62 -7.37 28.52 -10.75
C THR B 62 -7.26 27.00 -10.87
N GLN B 63 -6.21 26.55 -11.54
CA GLN B 63 -5.96 25.12 -11.74
C GLN B 63 -7.24 24.34 -12.00
N PHE B 64 -8.14 24.91 -12.80
CA PHE B 64 -9.41 24.27 -13.09
C PHE B 64 -10.01 24.86 -14.35
N ASN B 65 -9.95 24.13 -15.46
CA ASN B 65 -10.54 24.63 -16.71
C ASN B 65 -11.80 23.89 -17.16
N ALA B 66 -12.54 24.52 -18.07
CA ALA B 66 -13.87 24.06 -18.46
C ALA B 66 -13.91 22.69 -19.12
N SER B 67 -12.81 21.94 -19.01
CA SER B 67 -12.76 20.59 -19.55
C SER B 67 -12.59 19.57 -18.43
N MET B 68 -12.68 20.06 -17.19
CA MET B 68 -12.45 19.23 -16.02
C MET B 68 -13.66 18.36 -15.71
N CYS B 69 -14.80 18.68 -16.31
CA CYS B 69 -16.04 17.94 -16.08
C CYS B 69 -16.17 16.76 -17.03
N ASN B 70 -16.99 15.79 -16.65
CA ASN B 70 -17.28 14.64 -17.51
C ASN B 70 -18.70 14.13 -17.31
N ARG B 71 -18.93 12.86 -17.65
CA ARG B 71 -20.27 12.28 -17.56
C ARG B 71 -20.60 11.89 -16.12
N LYS B 72 -19.62 12.06 -15.23
CA LYS B 72 -19.79 11.81 -13.81
C LYS B 72 -19.90 13.13 -13.07
N LEU B 73 -18.79 13.87 -13.05
CA LEU B 73 -18.76 15.22 -12.49
C LEU B 73 -19.29 16.19 -13.54
N ILE B 74 -20.61 16.26 -13.66
CA ILE B 74 -21.25 17.02 -14.74
C ILE B 74 -21.36 18.51 -14.49
N GLY B 75 -20.91 18.97 -13.33
CA GLY B 75 -21.00 20.39 -13.00
C GLY B 75 -20.06 20.84 -11.90
N ALA B 76 -19.42 21.98 -12.12
CA ALA B 76 -18.51 22.56 -11.13
C ALA B 76 -18.67 24.07 -11.07
N ASN B 77 -19.10 24.57 -9.91
CA ASN B 77 -19.31 26.01 -9.73
C ASN B 77 -18.86 26.45 -8.34
N TYR B 78 -18.41 27.71 -8.24
CA TYR B 78 -17.97 28.25 -6.96
C TYR B 78 -18.48 29.65 -6.73
N PHE B 79 -18.50 30.07 -5.47
CA PHE B 79 -19.10 31.35 -5.10
C PHE B 79 -18.29 32.04 -4.01
N ASN B 80 -17.64 33.14 -4.38
CA ASN B 80 -16.72 33.84 -3.48
C ASN B 80 -17.03 35.32 -3.34
N LYS B 81 -18.17 35.74 -3.87
CA LYS B 81 -18.56 37.15 -3.83
C LYS B 81 -18.64 37.69 -2.40
N GLY B 82 -19.13 36.87 -1.48
CA GLY B 82 -19.20 37.25 -0.08
C GLY B 82 -17.83 37.57 0.48
N ILE B 83 -16.83 36.76 0.10
CA ILE B 83 -15.46 36.98 0.56
C ILE B 83 -14.90 38.31 0.06
N LEU B 84 -14.97 38.51 -1.25
CA LEU B 84 -14.42 39.71 -1.87
C LEU B 84 -15.13 40.98 -1.40
N ALA B 85 -16.46 40.94 -1.40
CA ALA B 85 -17.25 42.05 -0.89
C ALA B 85 -16.84 42.40 0.54
N ASN B 86 -16.53 41.38 1.33
CA ASN B 86 -16.10 41.59 2.70
C ASN B 86 -14.73 42.27 2.77
N ASP B 87 -13.88 41.97 1.79
CA ASP B 87 -12.52 42.50 1.77
C ASP B 87 -11.86 42.25 0.42
N PRO B 88 -12.05 43.18 -0.53
CA PRO B 88 -11.55 43.06 -1.89
C PRO B 88 -10.03 43.01 -1.93
N THR B 89 -9.41 43.27 -0.77
CA THR B 89 -7.96 43.26 -0.66
C THR B 89 -7.40 41.84 -0.55
N VAL B 90 -8.28 40.86 -0.59
CA VAL B 90 -7.88 39.47 -0.39
C VAL B 90 -7.46 38.77 -1.68
N ASN B 91 -6.38 38.01 -1.60
CA ASN B 91 -5.91 37.21 -2.72
C ASN B 91 -6.29 35.74 -2.54
N ILE B 92 -7.44 35.35 -3.10
CA ILE B 92 -7.90 33.96 -2.99
C ILE B 92 -6.96 33.04 -3.76
N THR B 93 -6.29 32.15 -3.03
CA THR B 93 -5.28 31.27 -3.61
C THR B 93 -5.87 30.27 -4.60
N MET B 94 -6.93 29.58 -4.19
CA MET B 94 -7.58 28.61 -5.06
C MET B 94 -8.95 29.13 -5.50
N ASN B 95 -8.93 30.08 -6.44
CA ASN B 95 -10.15 30.73 -6.90
C ASN B 95 -10.93 29.87 -7.89
N SER B 96 -11.38 28.71 -7.42
CA SER B 96 -12.20 27.81 -8.23
C SER B 96 -12.80 26.72 -7.36
N ALA B 97 -13.39 25.72 -8.01
CA ALA B 97 -14.08 24.64 -7.28
C ALA B 97 -13.12 23.58 -6.76
N ARG B 98 -11.85 23.67 -7.10
CA ARG B 98 -10.86 22.69 -6.65
C ARG B 98 -10.74 22.72 -5.13
N ASP B 99 -10.88 21.55 -4.52
CA ASP B 99 -10.87 21.40 -3.07
C ASP B 99 -9.45 21.43 -2.51
N THR B 100 -9.20 22.33 -1.56
CA THR B 100 -7.91 22.37 -0.87
C THR B 100 -8.07 22.04 0.61
N ASP B 101 -9.22 21.47 0.97
CA ASP B 101 -9.49 21.09 2.34
C ASP B 101 -9.73 19.58 2.46
N GLY B 102 -10.58 19.06 1.58
CA GLY B 102 -10.87 17.63 1.55
C GLY B 102 -12.32 17.32 1.87
N HIS B 103 -12.88 18.07 2.81
CA HIS B 103 -14.26 17.86 3.25
C HIS B 103 -15.20 17.70 2.06
N GLY B 104 -15.03 18.56 1.06
CA GLY B 104 -15.89 18.55 -0.12
C GLY B 104 -15.71 17.32 -0.99
N THR B 105 -14.47 16.89 -1.15
CA THR B 105 -14.16 15.71 -1.96
C THR B 105 -14.67 14.44 -1.29
N HIS B 106 -14.45 14.35 0.01
CA HIS B 106 -14.88 13.19 0.78
C HIS B 106 -16.40 13.00 0.69
N CYS B 107 -17.13 14.10 0.80
CA CYS B 107 -18.59 14.05 0.74
C CYS B 107 -19.10 13.65 -0.65
N ALA B 108 -18.49 14.22 -1.68
CA ALA B 108 -18.92 13.95 -3.05
C ALA B 108 -18.79 12.47 -3.41
N SER B 109 -17.68 11.85 -3.01
CA SER B 109 -17.45 10.44 -3.30
C SER B 109 -18.42 9.54 -2.52
N ILE B 110 -18.70 9.90 -1.27
CA ILE B 110 -19.61 9.11 -0.45
C ILE B 110 -21.00 9.04 -1.08
N THR B 111 -21.46 10.14 -1.66
CA THR B 111 -22.82 10.22 -2.18
C THR B 111 -22.95 9.60 -3.56
N ALA B 112 -21.93 9.75 -4.41
CA ALA B 112 -22.02 9.25 -5.77
C ALA B 112 -20.68 8.95 -6.44
N GLY B 113 -19.68 8.58 -5.64
CA GLY B 113 -18.39 8.18 -6.18
C GLY B 113 -18.51 6.96 -7.07
N ASN B 114 -17.80 6.97 -8.20
CA ASN B 114 -17.80 5.83 -9.10
C ASN B 114 -16.96 4.69 -8.53
N PHE B 115 -17.15 3.48 -9.03
CA PHE B 115 -16.39 2.34 -8.55
C PHE B 115 -14.89 2.60 -8.68
N ALA B 116 -14.17 2.40 -7.59
CA ALA B 116 -12.72 2.59 -7.58
C ALA B 116 -12.01 1.36 -7.01
N LYS B 117 -11.24 0.70 -7.88
CA LYS B 117 -10.57 -0.56 -7.53
C LYS B 117 -9.38 -0.38 -6.58
N GLY B 118 -9.20 -1.36 -5.70
CA GLY B 118 -8.00 -1.46 -4.87
C GLY B 118 -7.56 -0.20 -4.15
N VAL B 119 -8.44 0.35 -3.31
CA VAL B 119 -8.09 1.50 -2.49
C VAL B 119 -8.23 1.14 -1.02
N SER B 120 -7.69 1.98 -0.15
CA SER B 120 -7.78 1.75 1.29
C SER B 120 -7.24 2.93 2.08
N HIS B 121 -7.43 2.89 3.40
CA HIS B 121 -6.85 3.88 4.29
C HIS B 121 -5.59 3.31 4.93
N PHE B 122 -4.47 3.48 4.25
CA PHE B 122 -3.20 2.96 4.72
C PHE B 122 -3.30 1.49 5.10
N GLY B 123 -3.97 0.71 4.26
CA GLY B 123 -4.10 -0.73 4.47
C GLY B 123 -5.42 -1.15 5.09
N TYR B 124 -6.09 -0.21 5.76
CA TYR B 124 -7.37 -0.51 6.41
C TYR B 124 -8.55 -0.29 5.47
N ALA B 125 -9.62 -1.05 5.69
CA ALA B 125 -10.84 -0.90 4.90
C ALA B 125 -10.58 -1.00 3.41
N PRO B 126 -9.77 -1.99 3.00
CA PRO B 126 -9.40 -2.15 1.60
C PRO B 126 -10.56 -2.68 0.76
N GLY B 127 -10.53 -2.41 -0.53
CA GLY B 127 -11.56 -2.90 -1.44
C GLY B 127 -11.88 -1.91 -2.54
N THR B 128 -13.09 -2.00 -3.09
CA THR B 128 -13.55 -1.05 -4.09
C THR B 128 -14.49 -0.03 -3.46
N ALA B 129 -14.15 1.24 -3.61
CA ALA B 129 -14.98 2.31 -3.07
C ALA B 129 -16.04 2.74 -4.07
N ARG B 130 -17.20 3.14 -3.57
CA ARG B 130 -18.27 3.65 -4.42
C ARG B 130 -19.32 4.38 -3.58
N GLY B 131 -19.94 5.39 -4.18
CA GLY B 131 -20.99 6.15 -3.49
C GLY B 131 -22.22 5.29 -3.28
N VAL B 132 -23.06 5.69 -2.33
CA VAL B 132 -24.29 4.96 -2.06
C VAL B 132 -25.10 4.90 -3.35
N ALA B 133 -24.79 5.79 -4.29
CA ALA B 133 -25.42 5.81 -5.60
C ALA B 133 -24.34 5.97 -6.67
N PRO B 134 -23.67 4.85 -7.01
CA PRO B 134 -22.49 4.80 -7.87
C PRO B 134 -22.63 5.46 -9.24
N ARG B 135 -23.86 5.67 -9.71
CA ARG B 135 -24.06 6.24 -11.04
C ARG B 135 -24.85 7.54 -11.05
N ALA B 136 -24.99 8.16 -9.88
CA ALA B 136 -25.62 9.48 -9.81
C ALA B 136 -24.67 10.53 -10.33
N ARG B 137 -25.21 11.55 -11.01
CA ARG B 137 -24.38 12.61 -11.54
C ARG B 137 -24.02 13.60 -10.44
N LEU B 138 -22.79 14.11 -10.48
CA LEU B 138 -22.31 15.02 -9.45
C LEU B 138 -22.29 16.47 -9.92
N ALA B 139 -22.87 17.36 -9.11
CA ALA B 139 -22.83 18.79 -9.38
C ALA B 139 -22.22 19.52 -8.19
N VAL B 140 -20.98 19.97 -8.36
CA VAL B 140 -20.25 20.60 -7.25
C VAL B 140 -20.51 22.10 -7.16
N TYR B 141 -20.67 22.58 -5.93
CA TYR B 141 -20.88 23.99 -5.65
C TYR B 141 -20.05 24.41 -4.44
N LYS B 142 -18.91 25.04 -4.71
CA LYS B 142 -17.99 25.43 -3.64
C LYS B 142 -18.34 26.80 -3.08
N PHE B 143 -18.63 26.85 -1.78
CA PHE B 143 -18.92 28.10 -1.11
C PHE B 143 -17.98 28.32 0.07
N SER B 144 -17.20 27.29 0.40
CA SER B 144 -16.26 27.36 1.51
C SER B 144 -14.81 27.41 1.04
N PHE B 145 -14.15 28.54 1.29
CA PHE B 145 -12.76 28.72 0.87
C PHE B 145 -11.83 28.83 2.07
N ASN B 146 -10.56 28.50 1.85
CA ASN B 146 -9.57 28.64 2.91
C ASN B 146 -9.59 30.06 3.47
N GLU B 147 -9.82 31.03 2.59
CA GLU B 147 -9.80 32.43 2.98
C GLU B 147 -11.05 32.85 3.76
N GLY B 148 -12.08 32.02 3.70
CA GLY B 148 -13.30 32.29 4.46
C GLY B 148 -14.54 31.56 3.98
N THR B 149 -15.59 31.61 4.80
CA THR B 149 -16.87 31.00 4.47
C THR B 149 -18.00 31.95 4.84
N PHE B 150 -18.73 32.44 3.83
CA PHE B 150 -19.77 33.44 4.07
C PHE B 150 -21.17 32.93 3.79
N THR B 151 -22.07 33.25 4.71
CA THR B 151 -23.48 32.90 4.60
C THR B 151 -24.07 33.20 3.23
N SER B 152 -23.88 34.43 2.76
CA SER B 152 -24.45 34.86 1.49
C SER B 152 -23.96 34.00 0.32
N ASP B 153 -22.71 33.55 0.40
CA ASP B 153 -22.16 32.64 -0.62
C ASP B 153 -22.83 31.28 -0.55
N LEU B 154 -23.13 30.84 0.67
CA LEU B 154 -23.83 29.59 0.88
C LEU B 154 -25.19 29.62 0.22
N ILE B 155 -25.95 30.68 0.50
CA ILE B 155 -27.28 30.84 -0.08
C ILE B 155 -27.19 30.94 -1.60
N ALA B 156 -26.25 31.74 -2.10
CA ALA B 156 -26.05 31.88 -3.53
C ALA B 156 -25.75 30.52 -4.15
N ALA B 157 -25.01 29.68 -3.42
CA ALA B 157 -24.66 28.36 -3.89
C ALA B 157 -25.88 27.45 -4.00
N MET B 158 -26.73 27.46 -2.98
CA MET B 158 -27.94 26.65 -3.00
C MET B 158 -28.92 27.12 -4.09
N ASP B 159 -29.17 28.43 -4.12
CA ASP B 159 -30.08 29.00 -5.10
C ASP B 159 -29.69 28.57 -6.51
N GLN B 160 -28.39 28.59 -6.80
CA GLN B 160 -27.90 28.21 -8.12
C GLN B 160 -28.14 26.72 -8.38
N ALA B 161 -27.89 25.89 -7.37
CA ALA B 161 -28.10 24.46 -7.48
C ALA B 161 -29.56 24.15 -7.83
N VAL B 162 -30.47 24.75 -7.08
CA VAL B 162 -31.90 24.57 -7.33
C VAL B 162 -32.27 25.06 -8.71
N ALA B 163 -31.71 26.20 -9.11
CA ALA B 163 -31.96 26.77 -10.42
C ALA B 163 -31.44 25.85 -11.53
N ASP B 164 -30.31 25.20 -11.28
CA ASP B 164 -29.69 24.33 -12.28
C ASP B 164 -30.51 23.07 -12.56
N GLY B 165 -31.49 22.80 -11.69
CA GLY B 165 -32.37 21.65 -11.88
C GLY B 165 -31.91 20.40 -11.16
N VAL B 166 -30.97 20.55 -10.24
CA VAL B 166 -30.52 19.42 -9.43
C VAL B 166 -31.69 18.67 -8.81
N ASP B 167 -31.50 17.37 -8.57
CA ASP B 167 -32.56 16.55 -8.01
C ASP B 167 -32.55 16.57 -6.49
N MET B 168 -31.34 16.53 -5.92
CA MET B 168 -31.18 16.51 -4.47
C MET B 168 -30.01 17.39 -4.07
N ILE B 169 -30.03 17.88 -2.84
CA ILE B 169 -28.94 18.70 -2.33
C ILE B 169 -28.33 18.07 -1.08
N SER B 170 -27.01 17.98 -1.06
CA SER B 170 -26.30 17.47 0.10
C SER B 170 -25.40 18.56 0.68
N ILE B 171 -25.60 18.89 1.95
CA ILE B 171 -24.80 19.91 2.61
C ILE B 171 -24.38 19.48 4.02
N SER B 172 -23.07 19.36 4.22
CA SER B 172 -22.53 18.95 5.51
C SER B 172 -21.96 20.13 6.27
N TYR B 173 -22.83 21.10 6.55
CA TYR B 173 -22.47 22.28 7.33
C TYR B 173 -23.65 22.65 8.23
N GLY B 174 -23.36 23.38 9.31
CA GLY B 174 -24.40 23.77 10.24
C GLY B 174 -24.04 25.01 11.05
N TYR B 175 -25.05 25.76 11.44
CA TYR B 175 -24.87 26.94 12.28
C TYR B 175 -25.79 26.86 13.48
N ARG B 176 -25.33 27.37 14.62
CA ARG B 176 -26.10 27.29 15.85
C ARG B 176 -26.29 28.64 16.51
N PHE B 177 -27.31 28.74 17.36
CA PHE B 177 -27.54 29.94 18.17
C PHE B 177 -28.19 31.08 17.39
N ILE B 178 -28.89 30.77 16.31
CA ILE B 178 -29.58 31.79 15.53
C ILE B 178 -31.01 31.37 15.16
N PRO B 179 -31.94 32.34 15.18
CA PRO B 179 -33.34 32.12 14.81
C PRO B 179 -33.49 31.83 13.32
N LEU B 180 -34.59 31.17 12.96
CA LEU B 180 -34.82 30.72 11.58
C LEU B 180 -34.53 31.81 10.55
N TYR B 181 -34.99 33.03 10.81
CA TYR B 181 -34.86 34.12 9.84
C TYR B 181 -33.44 34.68 9.78
N GLU B 182 -32.52 34.03 10.49
CA GLU B 182 -31.11 34.38 10.40
C GLU B 182 -30.31 33.14 10.01
N ASP B 183 -31.03 32.04 9.80
CA ASP B 183 -30.41 30.75 9.51
C ASP B 183 -30.23 30.52 8.01
N ALA B 184 -28.99 30.60 7.55
CA ALA B 184 -28.67 30.54 6.13
C ALA B 184 -29.19 29.28 5.43
N ILE B 185 -28.74 28.12 5.87
CA ILE B 185 -29.10 26.86 5.25
C ILE B 185 -30.61 26.63 5.29
N SER B 186 -31.26 27.15 6.32
CA SER B 186 -32.69 26.98 6.48
C SER B 186 -33.47 27.83 5.47
N ILE B 187 -33.03 29.07 5.29
CA ILE B 187 -33.66 29.98 4.34
C ILE B 187 -33.57 29.42 2.93
N ALA B 188 -32.37 28.98 2.55
CA ALA B 188 -32.15 28.43 1.23
C ALA B 188 -32.88 27.09 1.06
N SER B 189 -32.90 26.31 2.13
CA SER B 189 -33.57 25.01 2.10
C SER B 189 -35.07 25.15 1.90
N PHE B 190 -35.65 26.20 2.50
CA PHE B 190 -37.07 26.48 2.32
C PHE B 190 -37.38 26.71 0.85
N GLY B 191 -36.52 27.48 0.17
CA GLY B 191 -36.68 27.73 -1.24
C GLY B 191 -36.53 26.45 -2.05
N ALA B 192 -35.64 25.58 -1.59
CA ALA B 192 -35.42 24.30 -2.24
C ALA B 192 -36.65 23.41 -2.11
N MET B 193 -37.18 23.32 -0.89
CA MET B 193 -38.39 22.54 -0.64
C MET B 193 -39.55 23.07 -1.47
N MET B 194 -39.59 24.39 -1.64
CA MET B 194 -40.66 25.02 -2.41
C MET B 194 -40.62 24.59 -3.88
N LYS B 195 -39.45 24.15 -4.35
CA LYS B 195 -39.29 23.80 -5.75
C LYS B 195 -39.01 22.31 -5.97
N GLY B 196 -39.40 21.50 -4.99
CA GLY B 196 -39.34 20.04 -5.13
C GLY B 196 -37.97 19.42 -4.92
N VAL B 197 -37.04 20.20 -4.35
CA VAL B 197 -35.70 19.70 -4.09
C VAL B 197 -35.49 19.41 -2.61
N LEU B 198 -35.21 18.14 -2.29
CA LEU B 198 -34.97 17.75 -0.90
C LEU B 198 -33.52 18.02 -0.50
N VAL B 199 -33.36 18.61 0.68
CA VAL B 199 -32.03 18.92 1.19
C VAL B 199 -31.67 18.01 2.36
N SER B 200 -30.53 17.33 2.24
CA SER B 200 -30.02 16.50 3.31
C SER B 200 -28.86 17.21 3.99
N ALA B 201 -28.96 17.38 5.31
CA ALA B 201 -27.94 18.09 6.06
C ALA B 201 -27.57 17.35 7.32
N SER B 202 -26.31 17.52 7.75
CA SER B 202 -25.84 16.90 8.97
C SER B 202 -26.46 17.55 10.20
N ALA B 203 -26.67 16.76 11.24
CA ALA B 203 -27.27 17.25 12.47
C ALA B 203 -26.26 17.99 13.33
N GLY B 204 -24.98 17.82 13.01
CA GLY B 204 -23.92 18.46 13.78
C GLY B 204 -23.17 17.46 14.65
N ASN B 205 -22.01 17.88 15.16
CA ASN B 205 -21.16 16.99 15.94
C ASN B 205 -20.94 17.46 17.37
N ARG B 206 -21.91 18.17 17.92
CA ARG B 206 -21.77 18.70 19.28
C ARG B 206 -22.61 17.94 20.30
N GLY B 207 -23.00 16.71 19.97
CA GLY B 207 -23.70 15.85 20.90
C GLY B 207 -22.80 15.55 22.09
N PRO B 208 -23.34 14.83 23.09
CA PRO B 208 -24.69 14.28 23.10
C PRO B 208 -25.69 15.15 23.87
N GLY B 209 -25.26 16.31 24.32
CA GLY B 209 -26.13 17.22 25.06
C GLY B 209 -27.47 17.43 24.37
N ILE B 210 -28.51 17.65 25.16
CA ILE B 210 -29.86 17.84 24.62
C ILE B 210 -29.97 19.09 23.75
N GLY B 211 -30.73 18.99 22.67
CA GLY B 211 -30.93 20.12 21.76
C GLY B 211 -29.64 20.74 21.27
N SER B 212 -28.69 19.89 20.89
CA SER B 212 -27.38 20.36 20.44
C SER B 212 -27.27 20.38 18.91
N LEU B 213 -28.31 19.91 18.24
CA LEU B 213 -28.26 19.76 16.78
C LEU B 213 -28.54 21.06 16.03
N ASN B 214 -28.06 21.12 14.79
CA ASN B 214 -28.40 22.22 13.89
C ASN B 214 -29.12 21.70 12.65
N ASN B 215 -29.49 22.60 11.75
CA ASN B 215 -30.25 22.21 10.56
C ASN B 215 -31.53 21.46 10.92
N GLY B 216 -32.07 21.74 12.10
CA GLY B 216 -33.28 21.08 12.56
C GLY B 216 -34.55 21.78 12.11
N SER B 217 -34.71 21.93 10.80
CA SER B 217 -35.88 22.57 10.23
C SER B 217 -36.83 21.55 9.60
N PRO B 218 -38.13 21.88 9.57
CA PRO B 218 -39.16 21.00 9.04
C PRO B 218 -38.99 20.74 7.54
N TRP B 219 -38.34 21.67 6.84
CA TRP B 219 -38.12 21.52 5.40
C TRP B 219 -36.72 21.01 5.10
N ILE B 220 -36.15 20.27 6.04
CA ILE B 220 -34.82 19.70 5.86
C ILE B 220 -34.77 18.25 6.35
N LEU B 221 -34.00 17.42 5.65
CA LEU B 221 -33.73 16.07 6.11
C LEU B 221 -32.50 16.08 7.02
N CYS B 222 -32.75 16.09 8.32
CA CYS B 222 -31.68 16.19 9.31
C CYS B 222 -31.12 14.81 9.64
N VAL B 223 -29.84 14.59 9.34
CA VAL B 223 -29.25 13.26 9.40
C VAL B 223 -28.26 13.06 10.56
N ALA B 224 -28.50 12.01 11.35
CA ALA B 224 -27.62 11.64 12.46
C ALA B 224 -26.56 10.65 12.01
N SER B 225 -25.55 10.43 12.85
CA SER B 225 -24.41 9.58 12.50
C SER B 225 -24.28 8.35 13.39
N GLY B 226 -24.17 7.18 12.76
CA GLY B 226 -24.02 5.93 13.49
C GLY B 226 -22.81 5.12 13.07
N HIS B 227 -22.38 4.20 13.94
CA HIS B 227 -21.29 3.29 13.61
C HIS B 227 -21.78 2.22 12.67
N THR B 228 -20.86 1.68 11.86
CA THR B 228 -21.17 0.53 11.03
C THR B 228 -20.80 -0.73 11.80
N ASP B 229 -20.68 -1.85 11.09
CA ASP B 229 -20.27 -3.10 11.72
C ASP B 229 -18.80 -3.41 11.40
N ARG B 230 -18.06 -2.37 11.01
CA ARG B 230 -16.65 -2.53 10.69
C ARG B 230 -15.77 -2.19 11.88
N THR B 231 -14.63 -2.86 11.98
CA THR B 231 -13.66 -2.56 13.04
C THR B 231 -12.25 -2.81 12.52
N PHE B 232 -11.29 -2.07 13.08
CA PHE B 232 -9.90 -2.20 12.66
C PHE B 232 -9.07 -2.76 13.79
N ALA B 233 -8.18 -3.69 13.47
CA ALA B 233 -7.57 -4.50 14.51
C ALA B 233 -6.04 -4.50 14.53
N GLY B 234 -5.52 -4.44 15.75
CA GLY B 234 -4.16 -4.83 16.03
C GLY B 234 -4.28 -6.04 16.92
N THR B 235 -4.34 -7.22 16.31
CA THR B 235 -4.46 -8.46 17.07
C THR B 235 -3.32 -8.58 18.06
N LEU B 236 -3.67 -8.66 19.34
CA LEU B 236 -2.68 -8.76 20.40
C LEU B 236 -2.52 -10.20 20.84
N THR B 237 -1.30 -10.71 20.77
CA THR B 237 -1.00 -12.06 21.22
C THR B 237 0.08 -12.04 22.31
N LEU B 238 -0.28 -12.53 23.49
CA LEU B 238 0.66 -12.58 24.60
C LEU B 238 1.57 -13.80 24.51
N GLY B 239 2.65 -13.80 25.30
CA GLY B 239 3.61 -14.88 25.29
C GLY B 239 3.04 -16.21 25.76
N ASN B 240 1.84 -16.18 26.32
CA ASN B 240 1.19 -17.39 26.82
C ASN B 240 0.10 -17.89 25.88
N GLY B 241 0.14 -17.42 24.63
CA GLY B 241 -0.83 -17.86 23.63
C GLY B 241 -2.13 -17.07 23.63
N LEU B 242 -2.36 -16.28 24.68
CA LEU B 242 -3.58 -15.50 24.78
C LEU B 242 -3.68 -14.51 23.62
N LYS B 243 -4.74 -14.65 22.83
CA LYS B 243 -4.93 -13.80 21.66
C LYS B 243 -6.16 -12.89 21.82
N ILE B 244 -5.92 -11.59 21.73
CA ILE B 244 -7.00 -10.61 21.90
C ILE B 244 -7.09 -9.69 20.69
N ARG B 245 -8.29 -9.60 20.11
CA ARG B 245 -8.53 -8.69 19.00
C ARG B 245 -8.84 -7.29 19.52
N GLY B 246 -7.81 -6.45 19.61
CA GLY B 246 -7.98 -5.09 20.08
C GLY B 246 -8.22 -4.13 18.93
N TRP B 247 -8.11 -2.83 19.22
CA TRP B 247 -8.35 -1.79 18.23
C TRP B 247 -7.05 -1.05 17.90
N SER B 248 -6.85 -0.77 16.61
CA SER B 248 -5.68 -0.02 16.17
C SER B 248 -5.87 0.54 14.77
N LEU B 249 -5.30 1.71 14.54
CA LEU B 249 -5.32 2.33 13.22
C LEU B 249 -3.96 2.89 12.83
N PHE B 250 -2.91 2.31 13.40
CA PHE B 250 -1.56 2.68 12.99
C PHE B 250 -1.42 2.48 11.48
N PRO B 251 -1.12 3.57 10.76
CA PRO B 251 -1.11 3.60 9.30
C PRO B 251 0.13 2.97 8.66
N ALA B 252 0.46 1.75 9.05
CA ALA B 252 1.60 1.06 8.47
C ALA B 252 1.77 -0.34 9.06
N ARG B 253 2.37 -1.23 8.27
CA ARG B 253 2.56 -2.62 8.70
C ARG B 253 3.71 -2.75 9.70
N ALA B 254 3.52 -2.18 10.88
CA ALA B 254 4.53 -2.24 11.94
C ALA B 254 4.87 -3.68 12.30
N PHE B 255 6.09 -3.87 12.80
CA PHE B 255 6.56 -5.20 13.17
C PHE B 255 6.92 -5.24 14.65
N VAL B 256 5.98 -5.68 15.47
CA VAL B 256 6.21 -5.83 16.90
C VAL B 256 5.93 -7.28 17.31
N ARG B 257 6.99 -8.06 17.41
CA ARG B 257 6.88 -9.49 17.67
C ARG B 257 7.71 -9.92 18.87
N ASP B 258 7.10 -10.67 19.77
CA ASP B 258 7.80 -11.17 20.95
C ASP B 258 8.60 -10.08 21.65
N SER B 259 7.97 -8.91 21.80
CA SER B 259 8.62 -7.80 22.48
C SER B 259 8.29 -7.79 23.97
N PRO B 260 9.26 -7.37 24.80
CA PRO B 260 9.08 -7.29 26.25
C PRO B 260 7.95 -6.34 26.64
N VAL B 261 7.13 -6.76 27.58
CA VAL B 261 6.04 -5.93 28.08
C VAL B 261 6.24 -5.60 29.56
N ILE B 262 5.86 -4.39 29.95
CA ILE B 262 5.99 -3.99 31.35
C ILE B 262 4.73 -3.31 31.87
N TYR B 263 4.37 -3.63 33.11
CA TYR B 263 3.28 -2.94 33.79
C TYR B 263 3.80 -2.34 35.09
N ASN B 264 3.80 -1.02 35.16
CA ASN B 264 4.42 -0.32 36.28
C ASN B 264 3.60 0.89 36.70
N LYS B 265 2.98 0.80 37.87
CA LYS B 265 2.06 1.83 38.36
C LYS B 265 2.67 3.24 38.43
N THR B 266 3.99 3.32 38.52
CA THR B 266 4.66 4.60 38.61
C THR B 266 4.56 5.38 37.30
N LEU B 267 4.34 4.66 36.20
CA LEU B 267 4.23 5.30 34.89
C LEU B 267 3.00 4.81 34.13
N SER B 268 2.27 3.86 34.73
CA SER B 268 1.08 3.30 34.12
C SER B 268 0.10 4.37 33.67
N ASP B 269 0.21 5.55 34.27
CA ASP B 269 -0.67 6.67 33.94
C ASP B 269 -0.38 7.15 32.52
N CYS B 270 0.86 7.00 32.09
CA CYS B 270 1.28 7.43 30.76
C CYS B 270 0.96 8.90 30.53
N SER B 271 1.36 9.73 31.49
CA SER B 271 1.11 11.17 31.39
C SER B 271 2.40 11.97 31.54
N SER B 272 3.45 11.30 32.01
CA SER B 272 4.74 11.96 32.24
C SER B 272 5.77 11.57 31.19
N GLU B 273 6.28 12.57 30.48
CA GLU B 273 7.31 12.35 29.47
C GLU B 273 8.63 11.99 30.16
N GLU B 274 8.87 12.63 31.30
CA GLU B 274 10.07 12.39 32.09
C GLU B 274 10.11 10.96 32.61
N LEU B 275 9.00 10.51 33.18
CA LEU B 275 8.90 9.15 33.72
C LEU B 275 9.08 8.11 32.62
N LEU B 276 8.32 8.24 31.54
CA LEU B 276 8.40 7.31 30.43
C LEU B 276 9.80 7.27 29.83
N SER B 277 10.54 8.37 30.00
CA SER B 277 11.90 8.46 29.45
C SER B 277 12.90 7.72 30.32
N GLN B 278 12.42 7.15 31.44
CA GLN B 278 13.29 6.44 32.36
C GLN B 278 13.34 4.95 32.05
N VAL B 279 12.41 4.49 31.21
CA VAL B 279 12.38 3.09 30.81
C VAL B 279 13.49 2.81 29.81
N GLU B 280 14.44 1.98 30.21
CA GLU B 280 15.55 1.62 29.35
C GLU B 280 15.07 0.84 28.12
N ASN B 281 15.85 0.89 27.04
CA ASN B 281 15.47 0.22 25.81
C ASN B 281 14.02 0.48 25.47
N PRO B 282 13.61 1.76 25.50
CA PRO B 282 12.23 2.15 25.22
C PRO B 282 11.82 1.79 23.80
N GLU B 283 12.81 1.52 22.96
CA GLU B 283 12.56 1.27 21.55
C GLU B 283 12.24 -0.20 21.27
N ASN B 284 12.41 -1.04 22.28
CA ASN B 284 12.11 -2.46 22.15
C ASN B 284 11.19 -2.95 23.25
N THR B 285 10.46 -2.02 23.87
CA THR B 285 9.60 -2.36 25.01
C THR B 285 8.17 -1.84 24.85
N ILE B 286 7.22 -2.69 25.22
CA ILE B 286 5.80 -2.36 25.16
C ILE B 286 5.30 -1.97 26.55
N VAL B 287 4.79 -0.74 26.67
CA VAL B 287 4.30 -0.25 27.96
C VAL B 287 2.78 -0.30 28.02
N ILE B 288 2.25 -0.64 29.19
CA ILE B 288 0.81 -0.70 29.39
C ILE B 288 0.29 0.58 30.03
N CYS B 289 -0.76 1.15 29.45
CA CYS B 289 -1.35 2.39 29.96
C CYS B 289 -2.73 2.15 30.56
N ASP B 290 -2.92 2.60 31.79
CA ASP B 290 -4.21 2.49 32.47
C ASP B 290 -5.23 3.42 31.83
N ASP B 291 -6.51 3.11 32.03
CA ASP B 291 -7.58 3.98 31.58
C ASP B 291 -7.69 5.19 32.49
N ASN B 292 -7.30 6.36 31.98
CA ASN B 292 -7.31 7.58 32.77
C ASN B 292 -8.23 8.65 32.20
N GLY B 293 -8.99 8.29 31.18
CA GLY B 293 -9.97 9.20 30.59
C GLY B 293 -9.43 10.08 29.47
N ASP B 294 -8.11 10.09 29.31
CA ASP B 294 -7.50 10.90 28.25
C ASP B 294 -6.54 10.06 27.40
N PHE B 295 -7.12 9.20 26.55
CA PHE B 295 -6.34 8.31 25.70
C PHE B 295 -5.45 9.06 24.71
N SER B 296 -6.00 10.10 24.09
CA SER B 296 -5.28 10.83 23.07
C SER B 296 -4.04 11.53 23.61
N ASP B 297 -4.06 11.85 24.91
CA ASP B 297 -2.89 12.43 25.54
C ASP B 297 -1.83 11.36 25.79
N GLN B 298 -2.29 10.18 26.20
CA GLN B 298 -1.40 9.04 26.40
C GLN B 298 -0.69 8.70 25.10
N MET B 299 -1.45 8.67 24.01
CA MET B 299 -0.89 8.39 22.69
C MET B 299 0.15 9.43 22.30
N ARG B 300 -0.07 10.67 22.71
CA ARG B 300 0.87 11.75 22.45
C ARG B 300 2.16 11.51 23.23
N ILE B 301 2.03 11.25 24.52
CA ILE B 301 3.17 10.97 25.38
C ILE B 301 3.95 9.76 24.90
N ILE B 302 3.22 8.69 24.56
CA ILE B 302 3.84 7.48 24.06
C ILE B 302 4.63 7.76 22.79
N THR B 303 3.96 8.36 21.81
CA THR B 303 4.58 8.67 20.53
C THR B 303 5.85 9.50 20.70
N ARG B 304 5.79 10.47 21.60
CA ARG B 304 6.93 11.35 21.84
C ARG B 304 8.08 10.60 22.50
N ALA B 305 7.76 9.54 23.23
CA ALA B 305 8.77 8.74 23.93
C ALA B 305 9.40 7.69 23.02
N ARG B 306 8.75 7.42 21.90
CA ARG B 306 9.29 6.47 20.92
C ARG B 306 9.34 5.04 21.43
N LEU B 307 8.28 4.62 22.12
CA LEU B 307 8.20 3.25 22.59
C LEU B 307 7.89 2.30 21.44
N LYS B 308 8.40 1.07 21.52
CA LYS B 308 8.08 0.04 20.54
C LYS B 308 6.59 0.12 20.24
N ALA B 309 5.79 0.03 21.29
CA ALA B 309 4.35 0.12 21.19
C ALA B 309 3.75 0.27 22.59
N ALA B 310 2.44 0.42 22.66
CA ALA B 310 1.78 0.54 23.94
C ALA B 310 0.42 -0.14 23.91
N ILE B 311 0.05 -0.74 25.04
CA ILE B 311 -1.27 -1.34 25.17
C ILE B 311 -2.14 -0.41 26.02
N PHE B 312 -3.03 0.32 25.35
CA PHE B 312 -3.89 1.28 26.02
C PHE B 312 -5.18 0.63 26.48
N ILE B 313 -5.48 0.76 27.77
CA ILE B 313 -6.75 0.28 28.31
C ILE B 313 -7.75 1.42 28.31
N SER B 314 -8.84 1.26 27.55
CA SER B 314 -9.84 2.31 27.45
C SER B 314 -11.09 1.83 26.73
N GLU B 315 -12.22 2.45 27.05
CA GLU B 315 -13.47 2.18 26.37
C GLU B 315 -14.13 3.50 25.99
N ASP B 316 -13.36 4.57 26.06
CA ASP B 316 -13.81 5.90 25.67
C ASP B 316 -14.26 5.90 24.21
N PRO B 317 -15.54 6.22 23.98
CA PRO B 317 -16.14 6.21 22.65
C PRO B 317 -15.39 7.08 21.64
N GLY B 318 -14.66 8.07 22.15
CA GLY B 318 -13.90 8.96 21.27
C GLY B 318 -12.82 8.24 20.50
N VAL B 319 -12.22 7.24 21.13
CA VAL B 319 -11.13 6.47 20.53
C VAL B 319 -11.55 5.77 19.25
N PHE B 320 -12.79 5.30 19.21
CA PHE B 320 -13.27 4.50 18.08
C PHE B 320 -13.83 5.35 16.95
N ARG B 321 -13.58 6.65 17.00
CA ARG B 321 -14.04 7.57 15.97
C ARG B 321 -12.87 8.31 15.34
N SER B 322 -11.68 8.11 15.89
CA SER B 322 -10.49 8.82 15.43
C SER B 322 -9.51 7.92 14.67
N ALA B 323 -8.87 8.49 13.66
CA ALA B 323 -7.86 7.77 12.89
C ALA B 323 -6.46 8.22 13.30
N THR B 324 -6.37 8.99 14.38
CA THR B 324 -5.09 9.47 14.88
C THR B 324 -4.40 8.38 15.69
N PHE B 325 -3.41 7.74 15.09
CA PHE B 325 -2.73 6.62 15.71
C PHE B 325 -1.28 6.56 15.23
N PRO B 326 -0.48 7.58 15.57
CA PRO B 326 0.87 7.77 15.03
C PRO B 326 1.92 6.84 15.60
N ASN B 327 1.55 5.99 16.55
CA ASN B 327 2.49 5.04 17.13
C ASN B 327 1.88 3.65 17.30
N PRO B 328 2.65 2.61 16.97
CA PRO B 328 2.17 1.25 17.12
C PRO B 328 1.63 1.02 18.53
N GLY B 329 0.47 0.37 18.60
CA GLY B 329 -0.17 0.10 19.89
C GLY B 329 -1.55 -0.50 19.71
N VAL B 330 -2.16 -0.90 20.82
CA VAL B 330 -3.48 -1.51 20.78
C VAL B 330 -4.35 -0.94 21.90
N VAL B 331 -5.64 -0.82 21.62
CA VAL B 331 -6.59 -0.41 22.64
C VAL B 331 -7.46 -1.61 23.03
N VAL B 332 -7.48 -1.91 24.32
CA VAL B 332 -8.29 -3.03 24.82
C VAL B 332 -9.31 -2.55 25.84
N ASN B 333 -10.38 -3.31 26.00
CA ASN B 333 -11.41 -2.98 26.98
C ASN B 333 -10.96 -3.31 28.40
N LYS B 334 -11.80 -2.98 29.37
CA LYS B 334 -11.45 -3.15 30.78
C LYS B 334 -11.18 -4.60 31.18
N LYS B 335 -12.01 -5.52 30.70
CA LYS B 335 -11.81 -6.93 31.02
C LYS B 335 -10.47 -7.43 30.48
N GLU B 336 -10.26 -7.25 29.18
CA GLU B 336 -9.02 -7.65 28.53
C GLU B 336 -7.82 -7.01 29.21
N GLY B 337 -7.98 -5.75 29.63
CA GLY B 337 -6.91 -5.03 30.31
C GLY B 337 -6.44 -5.75 31.56
N LYS B 338 -7.37 -6.40 32.25
CA LYS B 338 -7.04 -7.16 33.46
C LYS B 338 -6.31 -8.45 33.14
N GLN B 339 -6.71 -9.10 32.06
CA GLN B 339 -6.04 -10.31 31.61
C GLN B 339 -4.59 -10.03 31.26
N VAL B 340 -4.37 -8.98 30.47
CA VAL B 340 -3.03 -8.59 30.08
C VAL B 340 -2.16 -8.27 31.29
N ILE B 341 -2.70 -7.46 32.20
CA ILE B 341 -1.97 -7.06 33.40
C ILE B 341 -1.62 -8.27 34.26
N ASN B 342 -2.54 -9.22 34.33
CA ASN B 342 -2.31 -10.42 35.12
C ASN B 342 -1.15 -11.23 34.55
N TYR B 343 -1.23 -11.52 33.25
CA TYR B 343 -0.16 -12.23 32.56
C TYR B 343 1.20 -11.63 32.87
N VAL B 344 1.28 -10.30 32.81
CA VAL B 344 2.54 -9.61 33.05
C VAL B 344 3.04 -9.78 34.48
N LYS B 345 2.14 -9.64 35.44
CA LYS B 345 2.51 -9.73 36.85
C LYS B 345 2.96 -11.13 37.25
N ASN B 346 2.41 -12.14 36.58
CA ASN B 346 2.75 -13.53 36.90
C ASN B 346 3.81 -14.10 35.97
N SER B 347 4.77 -13.27 35.57
CA SER B 347 5.78 -13.72 34.62
C SER B 347 7.04 -12.84 34.63
N VAL B 348 8.19 -13.50 34.58
CA VAL B 348 9.44 -12.81 34.29
C VAL B 348 9.74 -13.04 32.83
N THR B 349 9.80 -11.96 32.05
CA THR B 349 10.02 -12.09 30.63
C THR B 349 8.69 -12.21 29.88
N PRO B 350 7.70 -11.41 30.29
CA PRO B 350 6.43 -11.35 29.57
C PRO B 350 6.62 -10.66 28.23
N THR B 351 6.14 -11.29 27.16
CA THR B 351 6.29 -10.74 25.82
C THR B 351 4.95 -10.61 25.12
N ALA B 352 4.92 -9.82 24.04
CA ALA B 352 3.69 -9.59 23.31
C ALA B 352 3.94 -9.38 21.81
N THR B 353 2.93 -9.71 21.01
CA THR B 353 2.97 -9.50 19.58
C THR B 353 1.72 -8.74 19.14
N ILE B 354 1.89 -7.85 18.16
CA ILE B 354 0.78 -7.09 17.63
C ILE B 354 0.94 -6.90 16.13
N THR B 355 -0.05 -7.36 15.36
CA THR B 355 -0.08 -7.10 13.93
C THR B 355 -1.09 -5.99 13.63
N PHE B 356 -0.96 -5.38 12.46
CA PHE B 356 -1.77 -4.21 12.13
C PHE B 356 -2.43 -4.32 10.76
N GLN B 357 -3.07 -3.22 10.35
CA GLN B 357 -3.74 -3.18 9.05
C GLN B 357 -4.74 -4.31 8.86
N GLU B 358 -5.45 -4.66 9.93
CA GLU B 358 -6.48 -5.68 9.87
C GLU B 358 -7.86 -5.03 9.99
N THR B 359 -8.78 -5.43 9.13
CA THR B 359 -10.13 -4.89 9.16
C THR B 359 -11.19 -5.99 9.13
N TYR B 360 -12.10 -5.95 10.09
CA TYR B 360 -13.12 -7.00 10.23
C TYR B 360 -14.53 -6.46 10.06
N LEU B 361 -15.43 -7.34 9.61
CA LEU B 361 -16.83 -6.99 9.43
C LEU B 361 -17.71 -7.95 10.22
N THR B 363 -18.94 -7.13 13.73
CA THR B 363 -19.09 -6.38 14.98
C THR B 363 -20.54 -6.31 15.41
N LYS B 364 -20.78 -6.55 16.70
CA LYS B 364 -22.11 -6.43 17.26
C LYS B 364 -22.04 -5.69 18.60
N PRO B 365 -23.00 -4.79 18.84
CA PRO B 365 -24.10 -4.53 17.93
C PRO B 365 -23.80 -3.42 16.92
N ALA B 366 -24.61 -3.37 15.87
CA ALA B 366 -24.48 -2.33 14.85
C ALA B 366 -25.80 -2.16 14.11
N PRO B 367 -26.16 -0.91 13.80
CA PRO B 367 -25.34 0.25 14.07
C PRO B 367 -25.54 0.78 15.49
N VAL B 368 -24.81 1.84 15.83
CA VAL B 368 -24.93 2.49 17.12
C VAL B 368 -24.76 3.99 16.93
N VAL B 369 -25.63 4.77 17.55
CA VAL B 369 -25.57 6.23 17.42
C VAL B 369 -24.28 6.78 18.03
N ALA B 370 -23.54 7.54 17.24
CA ALA B 370 -22.29 8.15 17.71
C ALA B 370 -22.54 9.08 18.89
N ALA B 371 -21.64 9.06 19.86
CA ALA B 371 -21.78 9.87 21.05
C ALA B 371 -21.74 11.37 20.74
N SER B 372 -21.12 11.72 19.62
CA SER B 372 -20.95 13.13 19.25
C SER B 372 -22.02 13.62 18.28
N SER B 373 -22.84 12.70 17.77
CA SER B 373 -23.93 13.07 16.89
C SER B 373 -24.92 13.98 17.61
N ALA B 374 -25.14 15.17 17.07
CA ALA B 374 -25.98 16.17 17.73
C ALA B 374 -27.39 15.65 17.99
N ARG B 375 -28.01 16.12 19.07
CA ARG B 375 -29.30 15.60 19.51
C ARG B 375 -30.39 16.68 19.52
N GLY B 376 -31.64 16.23 19.44
CA GLY B 376 -32.78 17.14 19.51
C GLY B 376 -33.21 17.40 20.95
N PRO B 377 -34.35 18.09 21.12
CA PRO B 377 -35.14 18.60 20.01
C PRO B 377 -34.49 19.81 19.36
N SER B 378 -35.03 20.23 18.22
CA SER B 378 -34.46 21.34 17.45
C SER B 378 -34.70 22.68 18.14
N ARG B 379 -33.63 23.41 18.43
CA ARG B 379 -33.74 24.72 19.04
C ARG B 379 -34.03 25.79 17.98
N SER B 380 -34.23 25.34 16.75
CA SER B 380 -34.67 26.22 15.67
C SER B 380 -36.19 26.15 15.57
N TYR B 381 -36.74 25.01 15.97
CA TYR B 381 -38.17 24.79 15.95
C TYR B 381 -38.40 23.49 16.72
N LEU B 382 -39.07 23.59 17.86
CA LEU B 382 -39.28 22.44 18.74
C LEU B 382 -40.38 21.55 18.16
N GLY B 383 -41.42 22.18 17.63
CA GLY B 383 -42.62 21.48 17.18
C GLY B 383 -42.41 20.18 16.43
N ILE B 384 -41.35 20.09 15.64
CA ILE B 384 -41.12 18.91 14.82
C ILE B 384 -39.86 18.15 15.23
N SER B 385 -40.04 16.89 15.59
CA SER B 385 -38.95 16.06 16.08
C SER B 385 -37.74 16.04 15.14
N LYS B 386 -36.55 16.03 15.73
CA LYS B 386 -35.30 15.96 14.99
C LYS B 386 -34.24 15.29 15.86
N PRO B 387 -33.25 14.65 15.23
CA PRO B 387 -33.10 14.53 13.79
C PRO B 387 -34.13 13.58 13.17
N ASP B 388 -34.03 13.37 11.86
CA ASP B 388 -35.01 12.60 11.12
C ASP B 388 -34.63 11.13 10.96
N ILE B 389 -33.35 10.86 10.75
CA ILE B 389 -32.92 9.52 10.38
C ILE B 389 -31.45 9.24 10.70
N LEU B 390 -31.09 7.97 10.76
CA LEU B 390 -29.73 7.56 11.11
C LEU B 390 -29.04 6.94 9.90
N ALA B 391 -27.76 7.25 9.73
CA ALA B 391 -26.97 6.73 8.61
C ALA B 391 -25.50 6.64 8.98
N PRO B 392 -24.75 5.78 8.27
CA PRO B 392 -23.34 5.54 8.59
C PRO B 392 -22.51 6.82 8.48
N GLY B 393 -21.76 7.13 9.55
CA GLY B 393 -20.96 8.35 9.58
C GLY B 393 -19.66 8.23 10.35
N VAL B 394 -19.43 7.09 11.00
CA VAL B 394 -18.22 6.89 11.78
C VAL B 394 -17.12 6.20 10.97
N LEU B 395 -15.96 6.83 10.90
CA LEU B 395 -14.82 6.30 10.14
C LEU B 395 -15.25 5.70 8.81
N ILE B 396 -15.73 6.55 7.92
CA ILE B 396 -16.11 6.13 6.57
C ILE B 396 -14.96 6.39 5.61
N LEU B 397 -14.78 5.50 4.63
CA LEU B 397 -13.72 5.65 3.64
C LEU B 397 -14.24 6.33 2.39
N ALA B 398 -13.58 7.41 1.99
CA ALA B 398 -13.96 8.15 0.79
C ALA B 398 -12.77 8.85 0.16
N ALA B 399 -12.96 9.39 -1.04
CA ALA B 399 -11.89 10.07 -1.76
C ALA B 399 -11.35 11.27 -0.97
N TYR B 400 -10.13 11.68 -1.29
CA TYR B 400 -9.48 12.76 -0.56
C TYR B 400 -8.39 13.40 -1.42
N PRO B 401 -8.19 14.72 -1.26
CA PRO B 401 -7.13 15.41 -1.99
C PRO B 401 -5.77 14.80 -1.68
N PRO B 402 -4.98 14.48 -2.72
CA PRO B 402 -3.70 13.81 -2.55
C PRO B 402 -2.60 14.71 -1.98
N ASN B 403 -2.85 16.03 -1.96
CA ASN B 403 -1.81 16.96 -1.55
C ASN B 403 -2.09 17.70 -0.24
N VAL B 404 -2.84 17.06 0.65
CA VAL B 404 -3.12 17.64 1.96
C VAL B 404 -2.89 16.64 3.08
N PHE B 405 -2.62 17.16 4.28
CA PHE B 405 -2.42 16.32 5.45
C PHE B 405 -3.56 15.33 5.63
N ALA B 406 -3.21 14.05 5.77
CA ALA B 406 -4.22 13.00 5.98
C ALA B 406 -4.11 12.41 7.38
N THR B 407 -2.93 11.88 7.70
CA THR B 407 -2.67 11.33 9.03
C THR B 407 -1.19 11.44 9.38
N SER B 408 -0.79 10.88 10.51
CA SER B 408 0.56 11.08 11.01
C SER B 408 1.23 9.80 11.54
N ILE B 409 2.56 9.76 11.43
CA ILE B 409 3.36 8.68 12.02
C ILE B 409 4.52 9.30 12.79
N GLY B 410 4.73 8.84 14.02
CA GLY B 410 5.71 9.47 14.89
C GLY B 410 5.28 10.89 15.16
N THR B 411 6.21 11.73 15.58
CA THR B 411 5.89 13.13 15.86
C THR B 411 6.26 14.06 14.71
N ASN B 412 6.99 13.55 13.73
CA ASN B 412 7.52 14.40 12.67
C ASN B 412 7.14 14.00 11.25
N ILE B 413 6.41 12.90 11.09
CA ILE B 413 6.08 12.42 9.77
C ILE B 413 4.58 12.53 9.45
N LEU B 414 4.24 13.45 8.56
CA LEU B 414 2.88 13.57 8.07
C LEU B 414 2.72 12.72 6.82
N LEU B 415 1.53 12.18 6.61
CA LEU B 415 1.27 11.34 5.45
C LEU B 415 0.07 11.85 4.66
N SER B 416 0.08 11.60 3.35
CA SER B 416 -1.04 11.96 2.49
C SER B 416 -1.67 10.70 1.90
N THR B 417 -2.82 10.83 1.27
CA THR B 417 -3.55 9.67 0.77
C THR B 417 -4.57 10.03 -0.31
N ASP B 418 -4.98 9.02 -1.09
CA ASP B 418 -6.02 9.19 -2.09
C ASP B 418 -7.38 8.87 -1.47
N TYR B 419 -7.34 8.08 -0.40
CA TYR B 419 -8.57 7.70 0.31
C TYR B 419 -8.32 7.61 1.81
N ILE B 420 -9.19 8.27 2.57
CA ILE B 420 -8.98 8.41 4.00
C ILE B 420 -10.24 8.07 4.78
N LEU B 421 -10.07 7.72 6.06
CA LEU B 421 -11.21 7.47 6.94
C LEU B 421 -11.57 8.75 7.68
N GLU B 422 -12.84 9.10 7.68
CA GLU B 422 -13.31 10.31 8.33
C GLU B 422 -14.63 10.09 9.06
N SER B 423 -14.82 10.75 10.19
CA SER B 423 -16.02 10.58 11.01
C SER B 423 -16.80 11.88 11.17
N GLY B 424 -18.10 11.74 11.41
CA GLY B 424 -18.97 12.90 11.66
C GLY B 424 -20.30 12.79 10.95
N THR B 425 -21.20 13.72 11.23
CA THR B 425 -22.48 13.75 10.54
C THR B 425 -22.29 14.14 9.08
N SER B 426 -21.12 14.69 8.78
CA SER B 426 -20.77 15.06 7.40
C SER B 426 -20.78 13.84 6.51
N MET B 427 -20.30 12.71 7.03
CA MET B 427 -20.26 11.47 6.27
C MET B 427 -21.65 10.85 6.12
N ALA B 428 -22.51 11.06 7.11
CA ALA B 428 -23.83 10.44 7.15
C ALA B 428 -24.83 11.09 6.18
N ALA B 429 -24.84 12.41 6.15
CA ALA B 429 -25.79 13.16 5.32
C ALA B 429 -25.75 12.74 3.86
N PRO B 430 -24.55 12.71 3.25
CA PRO B 430 -24.41 12.32 1.85
C PRO B 430 -24.89 10.89 1.57
N HIS B 431 -24.92 10.04 2.58
CA HIS B 431 -25.49 8.71 2.43
C HIS B 431 -27.00 8.81 2.21
N ALA B 432 -27.63 9.67 3.00
CA ALA B 432 -29.08 9.88 2.88
C ALA B 432 -29.40 10.60 1.58
N ALA B 433 -28.52 11.52 1.18
CA ALA B 433 -28.74 12.29 -0.03
C ALA B 433 -28.82 11.38 -1.24
N GLY B 434 -27.86 10.45 -1.34
CA GLY B 434 -27.83 9.51 -2.45
C GLY B 434 -29.04 8.59 -2.46
N ILE B 435 -29.36 8.03 -1.30
CA ILE B 435 -30.53 7.16 -1.18
C ILE B 435 -31.77 7.89 -1.66
N ALA B 436 -31.93 9.13 -1.22
CA ALA B 436 -33.06 9.94 -1.63
C ALA B 436 -33.06 10.14 -3.14
N ALA B 437 -31.88 10.39 -3.69
CA ALA B 437 -31.72 10.60 -5.13
C ALA B 437 -32.23 9.38 -5.91
N MET B 438 -31.90 8.19 -5.42
CA MET B 438 -32.31 6.96 -6.09
C MET B 438 -33.82 6.74 -5.97
N LEU B 439 -34.34 6.92 -4.76
CA LEU B 439 -35.78 6.82 -4.55
C LEU B 439 -36.51 7.74 -5.53
N LYS B 440 -35.89 8.87 -5.85
CA LYS B 440 -36.48 9.84 -6.75
C LYS B 440 -36.41 9.34 -8.19
N ALA B 441 -35.41 8.52 -8.48
CA ALA B 441 -35.26 7.92 -9.81
C ALA B 441 -36.31 6.86 -10.04
N ALA B 442 -36.61 6.07 -9.00
CA ALA B 442 -37.61 5.02 -9.09
C ALA B 442 -39.03 5.59 -9.12
N HIS B 443 -39.20 6.76 -8.50
CA HIS B 443 -40.49 7.43 -8.45
C HIS B 443 -40.34 8.90 -8.82
N PRO B 444 -40.35 9.20 -10.12
CA PRO B 444 -40.08 10.54 -10.64
C PRO B 444 -41.13 11.59 -10.22
N GLU B 445 -42.23 11.14 -9.62
CA GLU B 445 -43.32 12.06 -9.27
C GLU B 445 -43.42 12.31 -7.78
N TRP B 446 -42.64 11.56 -7.00
CA TRP B 446 -42.64 11.72 -5.56
C TRP B 446 -42.04 13.07 -5.13
N SER B 447 -42.65 13.68 -4.14
CA SER B 447 -42.18 14.97 -3.62
C SER B 447 -41.10 14.76 -2.57
N PRO B 448 -40.33 15.82 -2.28
CA PRO B 448 -39.32 15.78 -1.24
C PRO B 448 -39.88 15.25 0.07
N SER B 449 -41.06 15.73 0.45
CA SER B 449 -41.69 15.29 1.70
C SER B 449 -42.01 13.80 1.66
N ALA B 450 -42.52 13.34 0.51
CA ALA B 450 -42.88 11.94 0.34
C ALA B 450 -41.64 11.05 0.43
N ILE B 451 -40.60 11.41 -0.31
CA ILE B 451 -39.35 10.67 -0.29
C ILE B 451 -38.80 10.52 1.12
N ARG B 452 -38.85 11.61 1.89
CA ARG B 452 -38.42 11.56 3.29
C ARG B 452 -39.34 10.64 4.09
N SER B 453 -40.62 10.66 3.75
CA SER B 453 -41.59 9.79 4.41
C SER B 453 -41.18 8.33 4.22
N ALA B 454 -40.98 7.93 2.97
CA ALA B 454 -40.57 6.56 2.66
C ALA B 454 -39.32 6.17 3.44
N MET B 455 -38.32 7.04 3.45
CA MET B 455 -37.06 6.76 4.13
C MET B 455 -37.23 6.61 5.64
N MET B 456 -38.25 7.26 6.20
CA MET B 456 -38.45 7.28 7.64
C MET B 456 -39.38 6.16 8.13
N THR B 457 -40.57 6.08 7.54
CA THR B 457 -41.57 5.10 7.96
C THR B 457 -41.09 3.68 7.72
N THR B 458 -39.97 3.56 7.00
CA THR B 458 -39.43 2.26 6.65
C THR B 458 -38.09 2.01 7.32
N ALA B 459 -37.65 2.97 8.13
CA ALA B 459 -36.37 2.87 8.82
C ALA B 459 -36.39 1.79 9.90
N ASP B 460 -35.23 1.23 10.20
CA ASP B 460 -35.13 0.16 11.18
C ASP B 460 -34.62 0.66 12.52
N PRO B 461 -35.45 0.51 13.57
CA PRO B 461 -35.11 0.94 14.93
C PRO B 461 -34.24 -0.08 15.65
N LEU B 462 -34.09 -1.26 15.06
CA LEU B 462 -33.32 -2.32 15.68
C LEU B 462 -31.95 -2.50 15.00
N ASP B 463 -31.01 -3.09 15.72
CA ASP B 463 -29.67 -3.30 15.20
C ASP B 463 -29.45 -4.77 14.83
N ARG B 466 -31.01 -7.91 16.72
CA ARG B 466 -32.44 -7.58 16.66
C ARG B 466 -32.90 -6.87 17.93
N LYS B 467 -32.07 -5.95 18.42
CA LYS B 467 -32.43 -5.15 19.59
C LYS B 467 -32.42 -3.66 19.24
N PRO B 468 -33.10 -2.85 20.05
CA PRO B 468 -33.17 -1.40 19.81
C PRO B 468 -31.78 -0.79 19.70
N ILE B 469 -31.56 -0.01 18.64
CA ILE B 469 -30.28 0.66 18.43
C ILE B 469 -29.88 1.45 19.68
N LYS B 470 -28.62 1.33 20.06
CA LYS B 470 -28.12 1.93 21.30
C LYS B 470 -27.48 3.30 21.11
N ASP B 471 -27.47 4.08 22.17
CA ASP B 471 -26.74 5.35 22.21
C ASP B 471 -25.34 5.09 22.75
N SER B 472 -24.33 5.34 21.92
CA SER B 472 -22.95 5.06 22.29
C SER B 472 -22.51 5.77 23.55
N ASP B 473 -23.17 6.86 23.89
CA ASP B 473 -22.77 7.69 25.02
C ASP B 473 -23.18 7.10 26.36
N ASN B 474 -24.25 6.32 26.37
CA ASN B 474 -24.80 5.77 27.61
C ASN B 474 -25.14 4.30 27.53
N ASN B 475 -25.15 3.76 26.32
CA ASN B 475 -25.42 2.34 26.12
C ASN B 475 -26.87 1.95 26.36
N LYS B 476 -27.75 2.94 26.44
CA LYS B 476 -29.18 2.68 26.57
C LYS B 476 -29.85 2.83 25.20
N ALA B 477 -31.15 2.54 25.14
CA ALA B 477 -31.89 2.64 23.89
C ALA B 477 -31.82 4.05 23.32
N ALA B 478 -31.57 4.14 22.02
CA ALA B 478 -31.51 5.44 21.35
C ALA B 478 -32.90 6.02 21.16
N THR B 479 -33.03 7.32 21.34
CA THR B 479 -34.31 8.01 21.19
C THR B 479 -34.50 8.53 19.77
N PRO B 480 -35.72 8.96 19.44
CA PRO B 480 -35.95 9.61 18.16
C PRO B 480 -35.15 10.91 18.07
N LEU B 481 -34.82 11.49 19.22
CA LEU B 481 -34.02 12.70 19.26
C LEU B 481 -32.54 12.34 19.08
N ASP B 482 -32.28 11.04 19.03
CA ASP B 482 -30.92 10.53 18.84
C ASP B 482 -30.72 10.06 17.40
N MET B 483 -31.72 9.36 16.87
CA MET B 483 -31.59 8.69 15.58
C MET B 483 -32.83 8.86 14.70
N GLY B 484 -33.73 9.74 15.10
CA GLY B 484 -34.97 9.92 14.36
C GLY B 484 -35.75 8.62 14.26
N ALA B 485 -36.22 8.31 13.06
CA ALA B 485 -36.96 7.07 12.83
C ALA B 485 -36.09 5.83 12.99
N GLY B 486 -34.78 6.00 12.78
CA GLY B 486 -33.85 4.89 12.90
C GLY B 486 -32.86 4.83 11.75
N HIS B 487 -32.33 3.63 11.51
CA HIS B 487 -31.31 3.44 10.48
C HIS B 487 -31.94 3.31 9.10
N VAL B 488 -31.42 4.05 8.14
CA VAL B 488 -31.92 4.01 6.77
C VAL B 488 -31.91 2.58 6.23
N ASP B 489 -32.99 2.23 5.53
CA ASP B 489 -33.12 0.92 4.92
C ASP B 489 -33.61 1.08 3.49
N PRO B 490 -32.69 1.41 2.58
CA PRO B 490 -32.96 1.79 1.18
C PRO B 490 -33.94 0.85 0.49
N ASN B 491 -33.63 -0.44 0.45
CA ASN B 491 -34.44 -1.41 -0.27
C ASN B 491 -35.93 -1.34 0.11
N ARG B 492 -36.21 -1.26 1.40
CA ARG B 492 -37.58 -1.11 1.86
C ARG B 492 -38.16 0.24 1.46
N ALA B 493 -37.36 1.28 1.63
CA ALA B 493 -37.80 2.63 1.30
C ALA B 493 -38.42 2.68 -0.09
N LEU B 494 -37.98 1.77 -0.95
CA LEU B 494 -38.48 1.73 -2.32
C LEU B 494 -39.98 1.42 -2.36
N ASP B 495 -40.46 0.68 -1.36
CA ASP B 495 -41.86 0.28 -1.33
C ASP B 495 -42.46 0.41 0.07
N PRO B 496 -42.85 1.63 0.44
CA PRO B 496 -43.34 1.95 1.78
C PRO B 496 -44.84 1.68 1.96
N GLY B 497 -45.58 1.59 0.85
CA GLY B 497 -47.02 1.36 0.91
C GLY B 497 -47.80 2.64 1.15
N LEU B 498 -47.44 3.36 2.20
CA LEU B 498 -48.08 4.63 2.52
C LEU B 498 -47.03 5.70 2.78
N VAL B 499 -47.29 6.91 2.32
CA VAL B 499 -46.38 8.03 2.55
C VAL B 499 -47.10 9.24 3.11
N TYR B 500 -46.44 9.94 4.03
CA TYR B 500 -46.97 11.19 4.55
C TYR B 500 -46.50 12.33 3.65
N ASP B 501 -47.32 12.66 2.66
CA ASP B 501 -46.95 13.67 1.67
C ASP B 501 -47.23 15.08 2.15
N ALA B 502 -46.76 16.06 1.40
CA ALA B 502 -46.95 17.46 1.74
C ALA B 502 -46.63 18.34 0.54
N THR B 503 -47.21 19.54 0.51
CA THR B 503 -47.01 20.44 -0.62
C THR B 503 -46.26 21.71 -0.22
N PRO B 504 -45.75 22.44 -1.23
CA PRO B 504 -45.08 23.71 -0.98
C PRO B 504 -45.99 24.67 -0.20
N GLN B 505 -47.29 24.59 -0.46
CA GLN B 505 -48.26 25.43 0.23
C GLN B 505 -48.34 25.05 1.71
N ASP B 506 -48.18 23.77 2.00
CA ASP B 506 -48.22 23.29 3.38
C ASP B 506 -47.15 23.96 4.23
N TYR B 507 -45.95 24.11 3.67
CA TYR B 507 -44.83 24.70 4.40
C TYR B 507 -45.02 26.20 4.60
N VAL B 508 -45.54 26.87 3.56
CA VAL B 508 -45.88 28.29 3.69
C VAL B 508 -46.84 28.47 4.85
N ASN B 509 -47.89 27.65 4.89
CA ASN B 509 -48.85 27.68 5.99
C ASN B 509 -48.14 27.51 7.33
N LEU B 510 -47.15 26.62 7.37
CA LEU B 510 -46.39 26.38 8.58
C LEU B 510 -45.57 27.61 8.96
N LEU B 511 -44.79 28.11 8.01
CA LEU B 511 -44.01 29.32 8.21
C LEU B 511 -44.93 30.43 8.70
N CYS B 512 -46.15 30.44 8.16
CA CYS B 512 -47.12 31.47 8.46
C CYS B 512 -47.52 31.46 9.93
N SER B 513 -47.59 30.26 10.50
CA SER B 513 -48.05 30.10 11.88
C SER B 513 -47.02 30.53 12.92
N LEU B 514 -45.77 30.63 12.50
CA LEU B 514 -44.69 30.99 13.42
C LEU B 514 -44.83 32.42 13.94
N ASN B 515 -45.62 33.22 13.24
CA ASN B 515 -45.89 34.59 13.65
C ASN B 515 -44.64 35.47 13.73
N PHE B 516 -43.80 35.41 12.69
CA PHE B 516 -42.67 36.32 12.59
C PHE B 516 -43.20 37.66 12.08
N THR B 517 -42.40 38.71 12.22
CA THR B 517 -42.74 39.97 11.58
C THR B 517 -42.75 39.72 10.08
N GLU B 518 -43.56 40.48 9.35
CA GLU B 518 -43.66 40.30 7.91
C GLU B 518 -42.32 40.48 7.21
N GLU B 519 -41.38 41.15 7.88
CA GLU B 519 -40.05 41.35 7.33
C GLU B 519 -39.20 40.09 7.54
N GLN B 520 -39.28 39.52 8.73
CA GLN B 520 -38.61 38.27 9.03
C GLN B 520 -39.18 37.15 8.16
N PHE B 521 -40.49 37.22 7.93
CA PHE B 521 -41.17 36.25 7.09
C PHE B 521 -40.62 36.29 5.67
N LYS B 522 -40.51 37.51 5.11
CA LYS B 522 -39.99 37.70 3.77
C LYS B 522 -38.55 37.23 3.63
N THR B 523 -37.78 37.40 4.70
CA THR B 523 -36.38 36.97 4.71
C THR B 523 -36.27 35.47 4.42
N ILE B 524 -37.24 34.71 4.90
CA ILE B 524 -37.26 33.26 4.72
C ILE B 524 -37.97 32.88 3.42
N ALA B 525 -39.13 33.45 3.19
CA ALA B 525 -39.93 33.16 2.00
C ALA B 525 -39.08 32.59 0.88
N ARG B 526 -38.43 33.46 0.11
CA ARG B 526 -38.61 34.89 0.25
C ARG B 526 -39.36 35.46 -0.94
N SER B 527 -39.28 34.75 -2.07
CA SER B 527 -40.00 35.14 -3.27
C SER B 527 -40.80 33.96 -3.82
N SER B 528 -40.98 32.94 -2.98
CA SER B 528 -41.75 31.76 -3.35
C SER B 528 -43.12 31.79 -2.70
N ALA B 529 -43.38 32.85 -1.92
CA ALA B 529 -44.65 33.02 -1.25
C ALA B 529 -44.82 34.44 -0.75
N SER B 530 -46.06 34.92 -0.70
CA SER B 530 -46.34 36.26 -0.23
C SER B 530 -46.94 36.24 1.17
N HIS B 531 -46.84 37.35 1.88
CA HIS B 531 -47.32 37.45 3.25
C HIS B 531 -48.77 37.93 3.29
N CYS B 533 -50.99 34.22 2.48
CA CYS B 533 -50.64 33.57 3.73
C CYS B 533 -51.75 33.73 4.75
N SER B 534 -52.96 33.34 4.36
CA SER B 534 -54.15 33.55 5.19
C SER B 534 -54.71 32.26 5.79
N ASN B 535 -53.99 31.16 5.62
CA ASN B 535 -54.41 29.89 6.20
C ASN B 535 -53.32 29.27 7.07
N PRO B 536 -52.95 29.96 8.16
CA PRO B 536 -51.91 29.49 9.07
C PRO B 536 -52.23 28.10 9.60
N SER B 537 -51.20 27.26 9.72
CA SER B 537 -51.38 25.90 10.19
C SER B 537 -50.05 25.34 10.69
N ALA B 538 -50.01 24.95 11.96
CA ALA B 538 -48.77 24.46 12.57
C ALA B 538 -48.71 22.95 12.57
N ASP B 539 -49.79 22.31 12.14
CA ASP B 539 -49.86 20.85 12.14
C ASP B 539 -49.43 20.29 10.79
N LEU B 540 -48.14 20.34 10.51
CA LEU B 540 -47.59 19.85 9.26
C LEU B 540 -47.63 18.32 9.21
N ASN B 541 -48.09 17.78 8.09
CA ASN B 541 -48.19 16.34 7.92
C ASN B 541 -46.82 15.66 7.94
N TYR B 542 -46.34 15.35 9.14
CA TYR B 542 -44.99 14.83 9.31
C TYR B 542 -45.00 13.37 9.77
N PRO B 543 -44.09 12.55 9.23
CA PRO B 543 -43.98 11.13 9.55
C PRO B 543 -43.41 10.86 10.93
N SER B 544 -43.66 11.76 11.89
CA SER B 544 -43.20 11.57 13.26
C SER B 544 -43.97 12.46 14.23
N PHE B 545 -43.81 12.20 15.53
CA PHE B 545 -44.56 12.94 16.55
C PHE B 545 -43.71 13.32 17.75
N ILE B 546 -43.92 14.55 18.25
CA ILE B 546 -43.24 15.01 19.45
C ILE B 546 -44.20 15.74 20.38
N ALA B 547 -44.27 15.29 21.63
CA ALA B 547 -45.12 15.91 22.63
C ALA B 547 -44.27 16.68 23.64
N LEU B 548 -44.43 17.99 23.67
CA LEU B 548 -43.59 18.86 24.49
C LEU B 548 -44.26 19.26 25.80
N TYR B 549 -43.47 19.41 26.86
CA TYR B 549 -43.99 19.79 28.16
C TYR B 549 -43.09 20.80 28.86
N SER B 550 -43.68 21.88 29.37
CA SER B 550 -42.94 22.91 30.06
C SER B 550 -42.36 22.40 31.38
N ILE B 551 -41.23 22.97 31.79
CA ILE B 551 -40.59 22.59 33.05
C ILE B 551 -40.47 23.81 33.97
N GLU B 552 -41.27 24.84 33.68
CA GLU B 552 -41.21 26.08 34.44
C GLU B 552 -42.21 26.10 35.60
N GLY B 553 -42.39 24.94 36.24
CA GLY B 553 -43.31 24.85 37.38
C GLY B 553 -43.80 23.44 37.65
N ASN B 554 -44.91 23.34 38.36
CA ASN B 554 -45.50 22.04 38.68
C ASN B 554 -45.91 21.27 37.43
N PHE B 555 -45.75 19.96 37.47
CA PHE B 555 -46.07 19.12 36.32
C PHE B 555 -47.47 18.53 36.43
N THR B 556 -48.29 18.75 35.41
CA THR B 556 -49.66 18.27 35.41
C THR B 556 -50.00 17.57 34.10
N LEU B 557 -50.99 16.68 34.16
CA LEU B 557 -51.42 15.93 32.98
C LEU B 557 -51.57 16.85 31.77
N LEU B 558 -50.97 16.46 30.65
CA LEU B 558 -51.08 17.23 29.41
C LEU B 558 -51.62 16.35 28.30
N GLU B 559 -52.20 17.00 27.29
CA GLU B 559 -52.74 16.29 26.13
C GLU B 559 -52.38 17.00 24.84
N GLN B 560 -52.16 16.22 23.80
CA GLN B 560 -51.81 16.77 22.49
C GLN B 560 -52.45 15.94 21.38
N LYS B 561 -53.08 16.61 20.43
CA LYS B 561 -53.69 15.93 19.29
C LYS B 561 -52.93 16.22 18.01
N PHE B 562 -52.67 15.19 17.22
CA PHE B 562 -51.98 15.34 15.95
C PHE B 562 -52.87 14.86 14.81
N LYS B 563 -52.90 15.64 13.73
CA LYS B 563 -53.68 15.27 12.56
C LYS B 563 -52.75 14.89 11.41
N ARG B 564 -52.96 13.70 10.85
CA ARG B 564 -52.11 13.21 9.77
C ARG B 564 -52.94 12.74 8.58
N THR B 565 -52.33 12.76 7.41
CA THR B 565 -52.97 12.26 6.20
C THR B 565 -52.01 11.33 5.45
N VAL B 566 -52.36 10.07 5.36
CA VAL B 566 -51.52 9.09 4.69
C VAL B 566 -52.09 8.71 3.33
N THR B 567 -51.27 8.89 2.29
CA THR B 567 -51.67 8.52 0.94
C THR B 567 -51.13 7.14 0.56
N ASN B 568 -51.88 6.42 -0.26
CA ASN B 568 -51.53 5.06 -0.64
C ASN B 568 -50.70 4.98 -1.92
N VAL B 569 -49.45 4.57 -1.79
CA VAL B 569 -48.55 4.46 -2.94
C VAL B 569 -48.37 3.00 -3.36
N GLY B 570 -49.13 2.10 -2.75
CA GLY B 570 -49.07 0.69 -3.09
C GLY B 570 -49.66 0.40 -4.46
N ALA B 573 -55.65 -1.13 -3.96
CA ALA B 573 -56.56 -1.42 -2.86
C ALA B 573 -55.83 -2.11 -1.71
N ALA B 574 -56.08 -1.64 -0.49
CA ALA B 574 -55.43 -2.18 0.70
C ALA B 574 -56.01 -1.58 1.97
N THR B 575 -55.84 -2.29 3.08
CA THR B 575 -56.34 -1.81 4.37
C THR B 575 -55.31 -2.02 5.46
N TYR B 576 -55.17 -1.03 6.34
CA TYR B 576 -54.18 -1.07 7.41
C TYR B 576 -54.84 -1.00 8.79
N LYS B 577 -54.21 -1.65 9.77
CA LYS B 577 -54.63 -1.55 11.16
C LYS B 577 -53.50 -0.90 11.96
N ALA B 578 -53.88 0.00 12.87
CA ALA B 578 -52.89 0.75 13.63
C ALA B 578 -52.46 0.02 14.90
N LYS B 579 -51.17 -0.26 15.00
CA LYS B 579 -50.59 -0.85 16.21
C LYS B 579 -49.91 0.24 17.03
N LEU B 580 -50.19 0.28 18.32
CA LEU B 580 -49.71 1.36 19.17
C LEU B 580 -48.80 0.90 20.31
N LYS B 581 -47.69 1.61 20.48
CA LYS B 581 -46.84 1.47 21.65
C LYS B 581 -46.62 2.87 22.23
N ALA B 582 -47.32 3.17 23.32
CA ALA B 582 -47.28 4.50 23.91
C ALA B 582 -46.04 4.72 24.77
N PRO B 583 -45.43 5.92 24.65
CA PRO B 583 -44.27 6.27 25.46
C PRO B 583 -44.52 6.00 26.94
N LYS B 584 -43.46 5.90 27.72
CA LYS B 584 -43.57 5.62 29.14
C LYS B 584 -44.30 6.76 29.86
N ASN B 585 -45.05 6.41 30.91
CA ASN B 585 -45.82 7.39 31.66
C ASN B 585 -46.73 8.24 30.77
N SER B 586 -47.44 7.59 29.86
CA SER B 586 -48.38 8.29 28.99
C SER B 586 -49.25 7.31 28.21
N THR B 587 -50.41 7.78 27.78
CA THR B 587 -51.30 6.97 26.97
C THR B 587 -51.51 7.60 25.61
N ILE B 588 -51.74 6.78 24.60
CA ILE B 588 -51.99 7.28 23.26
C ILE B 588 -53.18 6.55 22.65
N SER B 589 -53.76 7.15 21.62
CA SER B 589 -54.90 6.56 20.92
C SER B 589 -55.03 7.18 19.55
N VAL B 590 -55.53 6.39 18.59
CA VAL B 590 -55.70 6.88 17.23
C VAL B 590 -57.13 6.66 16.76
N SER B 591 -57.51 7.38 15.71
CA SER B 591 -58.86 7.26 15.16
C SER B 591 -58.90 7.85 13.75
N PRO B 592 -59.41 7.07 12.79
CA PRO B 592 -59.91 5.71 13.04
C PRO B 592 -58.76 4.75 13.34
N GLN B 593 -59.10 3.56 13.82
CA GLN B 593 -58.11 2.53 14.14
C GLN B 593 -57.79 1.68 12.91
N ILE B 594 -58.55 1.88 11.84
CA ILE B 594 -58.37 1.12 10.62
C ILE B 594 -58.56 2.01 9.40
N LEU B 595 -57.63 1.92 8.45
CA LEU B 595 -57.72 2.69 7.22
C LEU B 595 -57.95 1.76 6.04
N VAL B 596 -58.97 2.07 5.24
CA VAL B 596 -59.29 1.25 4.08
C VAL B 596 -59.03 2.01 2.79
N PHE B 597 -58.33 1.37 1.86
CA PHE B 597 -58.01 2.00 0.58
C PHE B 597 -58.57 1.19 -0.58
N LYS B 598 -59.32 1.88 -1.45
CA LYS B 598 -59.97 1.23 -2.59
C LYS B 598 -59.05 1.16 -3.79
N ASN B 599 -58.02 2.00 -3.81
CA ASN B 599 -57.04 1.97 -4.89
C ASN B 599 -55.92 2.98 -4.75
N LYS B 600 -54.89 2.84 -5.59
CA LYS B 600 -53.68 3.63 -5.51
C LYS B 600 -53.93 5.14 -5.49
N ASN B 601 -53.13 5.85 -4.70
CA ASN B 601 -53.16 7.31 -4.66
C ASN B 601 -54.31 7.88 -3.83
N GLU B 602 -55.16 7.01 -3.31
CA GLU B 602 -56.24 7.44 -2.44
C GLU B 602 -55.67 7.94 -1.11
N LYS B 603 -56.22 9.03 -0.59
CA LYS B 603 -55.75 9.60 0.66
C LYS B 603 -56.69 9.29 1.81
N GLN B 604 -56.13 9.13 3.01
CA GLN B 604 -56.92 8.84 4.20
C GLN B 604 -56.31 9.56 5.41
N SER B 605 -57.17 10.15 6.23
CA SER B 605 -56.70 10.92 7.38
C SER B 605 -57.01 10.24 8.71
N TYR B 606 -56.21 10.55 9.72
CA TYR B 606 -56.45 10.05 11.06
C TYR B 606 -55.94 11.04 12.10
N THR B 607 -56.17 10.72 13.37
CA THR B 607 -55.76 11.61 14.45
C THR B 607 -55.16 10.84 15.62
N LEU B 608 -53.90 11.12 15.91
CA LEU B 608 -53.23 10.54 17.07
C LEU B 608 -53.36 11.49 18.25
N THR B 609 -53.57 10.93 19.43
CA THR B 609 -53.72 11.75 20.64
C THR B 609 -52.93 11.17 21.80
N ILE B 610 -52.04 11.99 22.35
CA ILE B 610 -51.20 11.57 23.48
C ILE B 610 -51.62 12.28 24.76
N ARG B 611 -51.71 11.52 25.85
CA ARG B 611 -51.97 12.10 27.15
C ARG B 611 -50.79 11.76 28.06
N TYR B 612 -49.98 12.77 28.36
CA TYR B 612 -48.70 12.55 29.03
C TYR B 612 -48.43 13.58 30.11
N ILE B 613 -47.42 13.30 30.92
CA ILE B 613 -46.97 14.22 31.95
C ILE B 613 -45.44 14.23 32.02
N GLY B 614 -44.86 15.41 32.13
CA GLY B 614 -43.41 15.56 32.14
C GLY B 614 -42.82 15.52 33.53
N ASP B 615 -41.51 15.75 33.62
CA ASP B 615 -40.81 15.75 34.89
C ASP B 615 -39.48 16.49 34.79
N SER B 619 -36.31 14.44 30.41
CA SER B 619 -36.82 13.08 30.34
C SER B 619 -37.62 12.87 29.06
N ARG B 620 -37.02 12.15 28.11
CA ARG B 620 -37.64 11.96 26.80
C ARG B 620 -38.05 10.51 26.56
N ASN B 621 -39.35 10.25 26.62
CA ASN B 621 -39.88 8.90 26.45
C ASN B 621 -40.31 8.63 25.02
N VAL B 622 -40.16 7.39 24.58
CA VAL B 622 -40.45 7.03 23.19
C VAL B 622 -41.53 5.97 23.04
N GLY B 623 -42.32 6.10 21.97
CA GLY B 623 -43.31 5.12 21.59
C GLY B 623 -43.39 5.13 20.07
N SER B 624 -44.49 4.64 19.52
CA SER B 624 -44.64 4.65 18.07
C SER B 624 -46.04 4.26 17.61
N ILE B 625 -46.31 4.51 16.34
CA ILE B 625 -47.54 4.06 15.70
C ILE B 625 -47.18 3.41 14.38
N THR B 626 -47.68 2.20 14.16
CA THR B 626 -47.37 1.45 12.95
C THR B 626 -48.65 1.00 12.24
N TRP B 627 -48.80 1.41 10.98
CA TRP B 627 -49.91 0.93 10.17
C TRP B 627 -49.52 -0.32 9.39
N VAL B 628 -49.91 -1.47 9.93
CA VAL B 628 -49.58 -2.76 9.32
C VAL B 628 -50.67 -3.23 8.35
N GLU B 629 -50.28 -3.45 7.11
CA GLU B 629 -51.19 -3.93 6.08
C GLU B 629 -51.74 -5.30 6.45
N GLN B 630 -53.03 -5.51 6.26
CA GLN B 630 -53.67 -6.76 6.65
C GLN B 630 -53.47 -7.88 5.64
N ASN B 631 -53.61 -7.56 4.35
CA ASN B 631 -53.38 -8.54 3.29
C ASN B 631 -52.10 -8.26 2.52
N GLY B 632 -51.01 -8.07 3.25
CA GLY B 632 -49.71 -7.78 2.65
C GLY B 632 -48.64 -7.73 3.72
N ASN B 633 -47.47 -7.22 3.36
CA ASN B 633 -46.35 -7.16 4.30
C ASN B 633 -45.88 -5.73 4.56
N HIS B 634 -46.67 -4.75 4.14
CA HIS B 634 -46.33 -3.35 4.34
C HIS B 634 -46.51 -2.93 5.80
N SER B 635 -45.53 -2.19 6.31
CA SER B 635 -45.57 -1.72 7.68
C SER B 635 -45.07 -0.28 7.78
N VAL B 636 -46.00 0.66 7.95
CA VAL B 636 -45.67 2.07 8.01
C VAL B 636 -45.50 2.53 9.46
N ARG B 637 -44.27 2.81 9.86
CA ARG B 637 -43.97 3.14 11.25
C ARG B 637 -43.56 4.60 11.47
N SER B 638 -44.11 5.20 12.53
CA SER B 638 -43.76 6.56 12.92
C SER B 638 -43.44 6.61 14.41
N PRO B 639 -42.29 7.21 14.75
CA PRO B 639 -41.86 7.30 16.16
C PRO B 639 -42.57 8.41 16.92
N ILE B 640 -42.71 8.24 18.23
CA ILE B 640 -43.31 9.24 19.09
C ILE B 640 -42.40 9.52 20.27
N VAL B 641 -42.15 10.80 20.55
CA VAL B 641 -41.26 11.17 21.64
C VAL B 641 -41.77 12.37 22.43
N THR B 642 -41.73 12.25 23.75
CA THR B 642 -42.05 13.37 24.62
C THR B 642 -40.76 14.11 24.96
N SER B 643 -40.86 15.41 25.20
CA SER B 643 -39.69 16.23 25.45
C SER B 643 -40.00 17.50 26.22
N PRO B 644 -39.04 17.94 27.06
CA PRO B 644 -39.16 19.21 27.76
C PRO B 644 -39.10 20.36 26.79
N ILE B 645 -39.65 21.51 27.17
CA ILE B 645 -39.51 22.72 26.37
C ILE B 645 -38.27 23.47 26.82
N ILE B 646 -37.27 23.53 25.94
CA ILE B 646 -35.98 24.14 26.29
C ILE B 646 -35.80 25.48 25.61
N GLU B 647 -34.72 26.18 25.97
CA GLU B 647 -34.38 27.45 25.35
C GLU B 647 -34.28 27.30 23.84
N VAL B 648 -35.08 28.07 23.11
CA VAL B 648 -34.99 28.10 21.66
C VAL B 648 -34.20 29.33 21.24
N TRP B 649 -33.62 29.29 20.04
CA TRP B 649 -32.88 30.43 19.52
C TRP B 649 -33.83 31.51 19.02
N PHE C 2 32.11 -18.24 6.50
CA PHE C 2 31.01 -18.28 5.54
C PHE C 2 30.40 -16.90 5.38
N GLU C 3 29.73 -16.67 4.26
CA GLU C 3 29.01 -15.42 4.02
C GLU C 3 27.86 -15.60 3.06
N LYS C 4 26.66 -15.24 3.51
CA LYS C 4 25.46 -15.32 2.69
C LYS C 4 25.29 -14.05 1.86
N PHE D 2 -20.80 28.89 13.15
CA PHE D 2 -20.68 28.03 11.97
C PHE D 2 -19.70 26.88 12.18
N GLU D 3 -19.91 25.80 11.43
CA GLU D 3 -19.05 24.63 11.51
C GLU D 3 -19.33 23.63 10.38
N LYS D 4 -18.28 23.18 9.72
CA LYS D 4 -18.41 22.19 8.66
C LYS D 4 -18.35 20.78 9.23
#